data_8TL8
#
_entry.id   8TL8
#
_cell.length_a   54.129
_cell.length_b   54.129
_cell.length_c   305.525
_cell.angle_alpha   90.00
_cell.angle_beta   90.00
_cell.angle_gamma   90.00
#
_symmetry.space_group_name_H-M   'P 41'
#
loop_
_entity.id
_entity.type
_entity.pdbx_description
1 polymer 'Protein sigma-NS'
2 non-polymer 'GLYCOCHOLIC ACID'
#
_entity_poly.entity_id   1
_entity_poly.type   'polypeptide(L)'
_entity_poly.pdbx_seq_one_letter_code
;MASSLRAAISKIKRDDVGQQVCPNYVMLRSSVTTKVVRNVVEYQIRTGGFFSCLAMLRPLQYAKRERLLGQRNLERISTR
DILQTRDLHSLCMPTPDAPMSNHQASTMRELICSYFKVDHADGLKYIPMDERYSPSSLARLFTMGMAGLHITTEPSYKRV
PIMHLAADLDCMTLALPYMITLDGDTVVPVAPTLSAEQLLDDGLKGLACMDISYGCEVDANSRPAGDQSMDSSRCINELY
CEETAEAICVLKTCLVLNCMQFKLEMDDLAHNAAELDKIQMMIPFSERVFRMASSFATIDAQCFRFCVMMKDKNLKIDMR
ETTRLWTRSASDDSVATSSLSISLDRGRWVAADASDARLLVFPIRV
;
_entity_poly.pdbx_strand_id   A,B
#
loop_
_chem_comp.id
_chem_comp.type
_chem_comp.name
_chem_comp.formula
GCH non-polymer 'GLYCOCHOLIC ACID' 'C26 H43 N O6'
#
# COMPACT_ATOMS: atom_id res chain seq x y z
N GLN A 19 -32.48 -7.92 -0.09
CA GLN A 19 -33.13 -7.33 -1.25
C GLN A 19 -32.12 -6.54 -2.10
N GLN A 20 -32.23 -6.69 -3.41
CA GLN A 20 -31.32 -6.05 -4.36
C GLN A 20 -31.95 -4.76 -4.88
N VAL A 21 -31.18 -3.67 -4.81
CA VAL A 21 -31.61 -2.38 -5.33
C VAL A 21 -30.64 -2.00 -6.45
N CYS A 22 -31.20 -1.53 -7.56
CA CYS A 22 -30.43 -1.13 -8.73
C CYS A 22 -29.33 -2.14 -9.09
N PRO A 23 -29.71 -3.37 -9.47
CA PRO A 23 -28.69 -4.40 -9.70
C PRO A 23 -27.88 -4.16 -10.96
N ASN A 24 -28.47 -3.57 -11.99
CA ASN A 24 -27.78 -3.29 -13.25
C ASN A 24 -27.20 -1.87 -13.27
N TYR A 25 -26.52 -1.52 -12.19
CA TYR A 25 -25.97 -0.17 -12.03
C TYR A 25 -24.62 -0.28 -11.33
N VAL A 26 -23.67 0.56 -11.75
CA VAL A 26 -22.31 0.49 -11.21
C VAL A 26 -22.24 1.14 -9.83
N MET A 27 -22.72 2.39 -9.72
CA MET A 27 -22.57 3.15 -8.48
C MET A 27 -23.74 2.91 -7.52
N LEU A 28 -24.94 2.77 -8.05
CA LEU A 28 -26.14 2.67 -7.24
C LEU A 28 -26.49 1.25 -6.86
N ARG A 29 -25.70 0.26 -7.28
CA ARG A 29 -25.93 -1.11 -6.85
C ARG A 29 -25.94 -1.19 -5.33
N SER A 30 -27.03 -1.69 -4.77
CA SER A 30 -27.24 -1.67 -3.33
C SER A 30 -27.80 -3.00 -2.86
N SER A 31 -27.67 -3.23 -1.56
CA SER A 31 -28.18 -4.44 -0.92
C SER A 31 -28.70 -4.02 0.45
N VAL A 32 -30.03 -3.90 0.58
CA VAL A 32 -30.66 -3.48 1.82
C VAL A 32 -31.17 -4.71 2.57
N THR A 33 -31.17 -4.61 3.89
CA THR A 33 -31.60 -5.70 4.77
C THR A 33 -32.54 -5.13 5.81
N THR A 34 -33.83 -5.38 5.63
CA THR A 34 -34.84 -5.01 6.60
C THR A 34 -34.79 -5.93 7.82
N LYS A 35 -34.89 -5.35 9.01
CA LYS A 35 -34.76 -6.10 10.24
C LYS A 35 -35.74 -5.59 11.29
N VAL A 36 -36.44 -6.52 11.96
CA VAL A 36 -37.41 -6.19 13.00
C VAL A 36 -36.81 -6.59 14.34
N VAL A 37 -36.50 -5.60 15.17
CA VAL A 37 -36.00 -5.83 16.52
C VAL A 37 -36.91 -5.11 17.51
N ARG A 38 -37.44 -5.85 18.48
CA ARG A 38 -38.32 -5.29 19.52
C ARG A 38 -39.47 -4.49 18.91
N ASN A 39 -40.03 -5.01 17.82
CA ASN A 39 -41.13 -4.38 17.09
C ASN A 39 -40.77 -3.00 16.54
N VAL A 40 -39.48 -2.73 16.33
CA VAL A 40 -39.03 -1.50 15.68
C VAL A 40 -38.25 -1.90 14.43
N VAL A 41 -38.63 -1.34 13.30
CA VAL A 41 -37.99 -1.68 12.03
C VAL A 41 -36.72 -0.86 11.87
N GLU A 42 -35.66 -1.53 11.40
CA GLU A 42 -34.37 -0.90 11.17
C GLU A 42 -33.91 -1.23 9.76
N TYR A 43 -33.58 -0.20 8.99
CA TYR A 43 -33.13 -0.37 7.62
C TYR A 43 -31.61 -0.23 7.59
N GLN A 44 -30.93 -1.28 7.13
CA GLN A 44 -29.48 -1.26 6.96
C GLN A 44 -29.18 -1.39 5.48
N ILE A 45 -28.54 -0.38 4.91
CA ILE A 45 -28.27 -0.28 3.48
C ILE A 45 -26.79 -0.55 3.23
N ARG A 46 -26.50 -1.26 2.15
CA ARG A 46 -25.14 -1.52 1.71
C ARG A 46 -25.02 -1.06 0.26
N THR A 47 -24.10 -0.15 -0.01
CA THR A 47 -23.87 0.39 -1.34
C THR A 47 -22.43 0.08 -1.73
N GLY A 48 -22.19 -1.18 -2.10
CA GLY A 48 -20.83 -1.61 -2.36
C GLY A 48 -20.25 -1.01 -3.62
N GLY A 49 -21.08 -0.92 -4.68
CA GLY A 49 -20.59 -0.38 -5.93
C GLY A 49 -20.10 1.05 -5.82
N PHE A 50 -20.82 1.87 -5.05
CA PHE A 50 -20.40 3.25 -4.84
C PHE A 50 -19.03 3.32 -4.18
N PHE A 51 -18.89 2.70 -3.00
CA PHE A 51 -17.63 2.77 -2.27
C PHE A 51 -16.52 1.99 -2.96
N SER A 52 -16.86 1.06 -3.85
CA SER A 52 -15.85 0.46 -4.70
C SER A 52 -15.32 1.47 -5.71
N CYS A 53 -16.19 2.29 -6.29
CA CYS A 53 -15.76 3.26 -7.29
C CYS A 53 -15.04 4.45 -6.67
N LEU A 54 -15.43 4.88 -5.46
CA LEU A 54 -14.71 5.98 -4.84
C LEU A 54 -13.33 5.54 -4.34
N ALA A 55 -13.18 4.25 -4.01
CA ALA A 55 -11.87 3.74 -3.64
C ALA A 55 -10.85 3.84 -4.77
N MET A 56 -11.28 4.17 -5.98
CA MET A 56 -10.34 4.45 -7.05
C MET A 56 -9.46 5.67 -6.77
N LEU A 57 -9.86 6.51 -5.81
CA LEU A 57 -9.02 7.65 -5.48
C LEU A 57 -7.70 7.25 -4.87
N ARG A 58 -7.60 6.02 -4.36
CA ARG A 58 -6.36 5.45 -3.85
C ARG A 58 -6.07 4.21 -4.70
N PRO A 59 -5.42 4.39 -5.86
CA PRO A 59 -5.40 3.33 -6.87
C PRO A 59 -4.79 2.02 -6.39
N LEU A 60 -3.66 2.08 -5.69
CA LEU A 60 -3.02 0.86 -5.23
C LEU A 60 -3.94 0.05 -4.32
N GLN A 61 -4.71 0.74 -3.47
CA GLN A 61 -5.66 0.04 -2.62
C GLN A 61 -6.83 -0.51 -3.43
N TYR A 62 -7.21 0.17 -4.51
CA TYR A 62 -8.28 -0.34 -5.37
C TYR A 62 -7.90 -1.66 -6.01
N ALA A 63 -6.62 -1.85 -6.33
CA ALA A 63 -6.15 -3.04 -7.02
C ALA A 63 -5.34 -3.95 -6.12
N LYS A 64 -5.31 -3.69 -4.81
CA LYS A 64 -4.36 -4.38 -3.95
C LYS A 64 -4.70 -5.85 -3.80
N ARG A 65 -5.99 -6.21 -3.83
CA ARG A 65 -6.40 -7.60 -3.75
C ARG A 65 -6.56 -8.25 -5.12
N GLU A 66 -6.96 -7.47 -6.13
CA GLU A 66 -7.18 -8.05 -7.45
C GLU A 66 -5.89 -8.39 -8.17
N ARG A 67 -4.79 -7.70 -7.85
CA ARG A 67 -3.54 -7.96 -8.55
C ARG A 67 -2.99 -9.35 -8.25
N LEU A 68 -3.47 -9.98 -7.19
CA LEU A 68 -3.00 -11.30 -6.78
C LEU A 68 -3.95 -12.42 -7.17
N LEU A 69 -5.15 -12.09 -7.65
CA LEU A 69 -6.06 -13.13 -8.13
C LEU A 69 -5.50 -13.82 -9.36
N GLY A 70 -4.85 -13.07 -10.24
CA GLY A 70 -4.26 -13.65 -11.44
C GLY A 70 -5.14 -13.42 -12.67
N GLN A 71 -4.51 -13.60 -13.83
CA GLN A 71 -5.22 -13.35 -15.09
C GLN A 71 -6.45 -14.24 -15.24
N ARG A 72 -6.47 -15.39 -14.56
CA ARG A 72 -7.63 -16.30 -14.59
C ARG A 72 -8.93 -15.57 -14.29
N ASN A 73 -8.90 -14.61 -13.35
CA ASN A 73 -10.10 -13.87 -12.98
C ASN A 73 -10.88 -13.38 -14.19
N LEU A 74 -10.21 -12.67 -15.09
CA LEU A 74 -10.88 -12.12 -16.27
C LEU A 74 -11.43 -13.20 -17.17
N GLU A 75 -10.68 -14.29 -17.38
CA GLU A 75 -11.10 -15.32 -18.33
C GLU A 75 -12.47 -15.88 -17.99
N ARG A 76 -12.72 -16.17 -16.71
CA ARG A 76 -14.01 -16.75 -16.31
C ARG A 76 -15.16 -15.80 -16.61
N ILE A 77 -14.97 -14.51 -16.38
CA ILE A 77 -16.04 -13.54 -16.60
C ILE A 77 -16.38 -13.44 -18.09
N SER A 78 -15.37 -13.42 -18.96
CA SER A 78 -15.62 -13.23 -20.39
C SER A 78 -16.39 -14.40 -20.99
N THR A 79 -16.07 -15.63 -20.59
CA THR A 79 -16.69 -16.79 -21.22
C THR A 79 -18.15 -16.96 -20.83
N ARG A 80 -18.57 -16.38 -19.71
CA ARG A 80 -19.96 -16.51 -19.27
C ARG A 80 -20.89 -15.81 -20.26
N ASP A 81 -21.96 -16.50 -20.66
CA ASP A 81 -22.84 -15.98 -21.70
C ASP A 81 -23.79 -14.92 -21.17
N ILE A 82 -24.14 -14.96 -19.89
CA ILE A 82 -25.10 -14.00 -19.33
C ILE A 82 -24.58 -12.58 -19.48
N LEU A 83 -23.33 -12.34 -19.11
CA LEU A 83 -22.64 -11.07 -19.30
C LEU A 83 -23.46 -9.88 -18.76
N GLN A 84 -23.68 -9.88 -17.45
CA GLN A 84 -24.37 -8.77 -16.81
C GLN A 84 -23.45 -7.56 -16.69
N THR A 85 -24.01 -6.45 -16.19
CA THR A 85 -23.25 -5.21 -16.09
C THR A 85 -22.06 -5.36 -15.15
N ARG A 86 -22.25 -6.06 -14.02
CA ARG A 86 -21.14 -6.29 -13.09
C ARG A 86 -20.02 -7.06 -13.79
N ASP A 87 -20.38 -8.00 -14.66
CA ASP A 87 -19.36 -8.70 -15.44
C ASP A 87 -18.66 -7.77 -16.42
N LEU A 88 -19.41 -6.88 -17.07
CA LEU A 88 -18.82 -6.01 -18.07
C LEU A 88 -18.03 -4.87 -17.43
N HIS A 89 -18.41 -4.46 -16.21
CA HIS A 89 -17.62 -3.47 -15.49
C HIS A 89 -16.25 -4.01 -15.12
N SER A 90 -16.20 -5.27 -14.67
CA SER A 90 -14.91 -5.88 -14.34
C SER A 90 -13.99 -5.93 -15.55
N LEU A 91 -14.56 -5.97 -16.75
CA LEU A 91 -13.79 -5.99 -17.99
C LEU A 91 -13.50 -4.60 -18.54
N CYS A 92 -13.96 -3.54 -17.87
CA CYS A 92 -13.77 -2.17 -18.32
C CYS A 92 -14.30 -1.99 -19.74
N MET A 93 -15.51 -2.48 -19.96
CA MET A 93 -16.15 -2.52 -21.26
C MET A 93 -17.42 -1.68 -21.25
N PRO A 94 -17.93 -1.30 -22.42
CA PRO A 94 -19.22 -0.62 -22.46
C PRO A 94 -20.31 -1.50 -21.86
N THR A 95 -21.22 -0.88 -21.11
CA THR A 95 -22.24 -1.63 -20.39
C THR A 95 -23.64 -1.42 -20.96
N PRO A 96 -24.16 -2.35 -21.76
CA PRO A 96 -25.59 -2.30 -22.06
C PRO A 96 -26.40 -2.57 -20.81
N ASP A 97 -27.64 -2.07 -20.79
CA ASP A 97 -28.56 -2.14 -19.66
C ASP A 97 -28.16 -1.20 -18.52
N ALA A 98 -27.25 -0.26 -18.78
CA ALA A 98 -26.83 0.73 -17.79
C ALA A 98 -26.52 2.02 -18.52
N PRO A 99 -26.67 3.17 -17.85
CA PRO A 99 -26.49 4.45 -18.55
C PRO A 99 -25.04 4.65 -18.98
N MET A 100 -24.87 5.27 -20.14
CA MET A 100 -23.55 5.55 -20.70
C MET A 100 -23.55 6.97 -21.24
N SER A 101 -22.36 7.45 -21.61
CA SER A 101 -22.17 8.84 -21.97
C SER A 101 -21.46 8.96 -23.31
N ASN A 102 -21.44 10.19 -23.84
CA ASN A 102 -20.78 10.50 -25.10
C ASN A 102 -19.83 11.67 -24.98
N HIS A 103 -19.68 12.27 -23.81
CA HIS A 103 -18.90 13.49 -23.70
C HIS A 103 -17.43 13.22 -24.00
N GLN A 104 -16.90 13.99 -24.96
CA GLN A 104 -15.50 13.92 -25.36
C GLN A 104 -15.00 12.50 -25.53
N ALA A 105 -15.83 11.63 -26.10
CA ALA A 105 -15.42 10.25 -26.33
C ALA A 105 -14.20 10.20 -27.25
N SER A 106 -14.13 11.11 -28.23
CA SER A 106 -12.97 11.17 -29.11
C SER A 106 -11.69 11.36 -28.31
N THR A 107 -11.67 12.35 -27.42
CA THR A 107 -10.47 12.58 -26.62
C THR A 107 -10.30 11.56 -25.50
N MET A 108 -11.38 10.90 -25.07
CA MET A 108 -11.24 9.82 -24.09
C MET A 108 -10.53 8.62 -24.68
N ARG A 109 -10.82 8.29 -25.95
CA ARG A 109 -10.21 7.13 -26.56
C ARG A 109 -8.73 7.34 -26.82
N GLU A 110 -8.36 8.49 -27.39
CA GLU A 110 -6.95 8.80 -27.58
C GLU A 110 -6.21 8.97 -26.26
N LEU A 111 -6.94 9.18 -25.16
CA LEU A 111 -6.28 9.18 -23.84
C LEU A 111 -5.96 7.78 -23.37
N ILE A 112 -6.81 6.80 -23.71
CA ILE A 112 -6.45 5.40 -23.52
C ILE A 112 -5.18 5.10 -24.32
N CYS A 113 -5.17 5.48 -25.59
CA CYS A 113 -4.07 5.16 -26.48
C CYS A 113 -2.78 5.84 -26.04
N SER A 114 -2.87 6.98 -25.36
CA SER A 114 -1.67 7.69 -24.94
C SER A 114 -1.10 7.08 -23.66
N TYR A 115 -1.93 6.87 -22.65
CA TYR A 115 -1.46 6.34 -21.38
C TYR A 115 -0.97 4.91 -21.53
N PHE A 116 -1.74 4.07 -22.23
CA PHE A 116 -1.42 2.66 -22.40
C PHE A 116 -0.55 2.38 -23.62
N LYS A 117 -0.19 3.41 -24.40
CA LYS A 117 0.66 3.24 -25.58
C LYS A 117 0.12 2.21 -26.55
N VAL A 118 -1.21 2.07 -26.56
CA VAL A 118 -1.89 1.11 -27.42
C VAL A 118 -2.39 1.87 -28.65
N ASP A 119 -2.69 1.13 -29.72
CA ASP A 119 -3.00 1.75 -30.99
C ASP A 119 -4.50 2.01 -31.10
N HIS A 120 -4.91 2.59 -32.23
CA HIS A 120 -6.29 3.07 -32.36
C HIS A 120 -7.26 1.91 -32.55
N ALA A 121 -6.93 0.98 -33.46
CA ALA A 121 -7.88 -0.03 -33.93
C ALA A 121 -8.62 -0.72 -32.78
N ASP A 122 -7.91 -1.18 -31.77
CA ASP A 122 -8.54 -1.84 -30.63
C ASP A 122 -8.75 -0.90 -29.44
N GLY A 123 -8.33 0.36 -29.56
CA GLY A 123 -8.84 1.38 -28.64
C GLY A 123 -10.32 1.64 -28.85
N LEU A 124 -10.83 1.37 -30.06
CA LEU A 124 -12.28 1.37 -30.27
C LEU A 124 -12.98 0.34 -29.41
N LYS A 125 -12.27 -0.68 -28.92
CA LYS A 125 -12.96 -1.72 -28.18
C LYS A 125 -13.32 -1.28 -26.76
N TYR A 126 -12.70 -0.20 -26.27
CA TYR A 126 -13.19 0.45 -25.06
C TYR A 126 -14.32 1.42 -25.36
N ILE A 127 -14.13 2.29 -26.35
CA ILE A 127 -15.13 3.25 -26.77
C ILE A 127 -15.44 3.00 -28.25
N PRO A 128 -16.55 2.30 -28.54
CA PRO A 128 -16.83 1.91 -29.94
C PRO A 128 -17.19 3.08 -30.84
N MET A 129 -17.57 2.78 -32.08
CA MET A 129 -17.97 3.83 -33.01
C MET A 129 -19.26 4.52 -32.57
N ASP A 130 -19.99 3.93 -31.62
CA ASP A 130 -21.14 4.59 -31.03
C ASP A 130 -20.73 5.81 -30.22
N GLU A 131 -19.48 5.85 -29.74
CA GLU A 131 -18.94 6.89 -28.88
C GLU A 131 -19.55 6.84 -27.48
N ARG A 132 -20.17 5.71 -27.15
CA ARG A 132 -20.79 5.50 -25.84
C ARG A 132 -19.83 4.71 -24.97
N TYR A 133 -19.66 5.14 -23.73
CA TYR A 133 -18.83 4.44 -22.76
C TYR A 133 -19.44 4.56 -21.38
N SER A 134 -19.06 3.64 -20.49
CA SER A 134 -19.42 3.75 -19.10
C SER A 134 -18.33 4.53 -18.39
N PRO A 135 -18.60 5.73 -17.87
CA PRO A 135 -17.52 6.53 -17.25
C PRO A 135 -16.82 5.81 -16.12
N SER A 136 -17.55 5.06 -15.30
CA SER A 136 -16.89 4.30 -14.23
C SER A 136 -16.09 3.14 -14.79
N SER A 137 -16.55 2.51 -15.86
CA SER A 137 -15.76 1.47 -16.51
C SER A 137 -14.48 2.05 -17.08
N LEU A 138 -14.55 3.26 -17.63
CA LEU A 138 -13.35 3.98 -18.03
C LEU A 138 -12.49 4.34 -16.83
N ALA A 139 -13.11 4.84 -15.77
CA ALA A 139 -12.35 5.19 -14.57
C ALA A 139 -11.64 3.97 -14.01
N ARG A 140 -12.30 2.81 -14.02
CA ARG A 140 -11.65 1.58 -13.55
C ARG A 140 -10.42 1.25 -14.39
N LEU A 141 -10.54 1.38 -15.72
CA LEU A 141 -9.41 1.12 -16.60
C LEU A 141 -8.22 1.99 -16.23
N PHE A 142 -8.44 3.29 -16.08
CA PHE A 142 -7.33 4.19 -15.80
C PHE A 142 -6.79 4.03 -14.38
N THR A 143 -7.67 3.73 -13.42
CA THR A 143 -7.20 3.52 -12.05
C THR A 143 -6.34 2.27 -11.95
N MET A 144 -6.75 1.18 -12.59
CA MET A 144 -5.93 -0.03 -12.60
C MET A 144 -4.60 0.20 -13.30
N GLY A 145 -4.59 1.04 -14.34
CA GLY A 145 -3.34 1.35 -15.01
C GLY A 145 -2.35 2.07 -14.11
N MET A 146 -2.86 2.97 -13.28
CA MET A 146 -1.99 3.69 -12.36
C MET A 146 -1.42 2.76 -11.29
N ALA A 147 -2.17 1.72 -10.92
CA ALA A 147 -1.67 0.70 -10.01
C ALA A 147 -0.76 -0.31 -10.70
N GLY A 148 -0.55 -0.18 -12.00
CA GLY A 148 0.38 -1.04 -12.71
C GLY A 148 -0.22 -2.19 -13.50
N LEU A 149 -1.54 -2.24 -13.64
CA LEU A 149 -2.20 -3.33 -14.34
C LEU A 149 -3.07 -2.77 -15.45
N HIS A 150 -2.88 -3.26 -16.66
CA HIS A 150 -3.60 -2.78 -17.83
C HIS A 150 -4.61 -3.84 -18.24
N ILE A 151 -5.89 -3.57 -18.02
CA ILE A 151 -6.93 -4.46 -18.51
C ILE A 151 -6.97 -4.36 -20.04
N THR A 152 -6.74 -5.47 -20.71
CA THR A 152 -6.53 -5.49 -22.15
C THR A 152 -7.84 -5.76 -22.90
N THR A 153 -7.78 -5.57 -24.22
CA THR A 153 -8.93 -5.90 -25.06
C THR A 153 -9.30 -7.36 -24.93
N GLU A 154 -8.30 -8.25 -24.96
CA GLU A 154 -8.51 -9.62 -24.54
C GLU A 154 -8.66 -9.66 -23.02
N PRO A 155 -9.33 -10.67 -22.48
CA PRO A 155 -9.48 -10.73 -21.02
C PRO A 155 -8.18 -11.13 -20.35
N SER A 156 -7.26 -10.18 -20.18
CA SER A 156 -5.94 -10.46 -19.62
C SER A 156 -5.45 -9.25 -18.83
N TYR A 157 -4.58 -9.52 -17.87
CA TYR A 157 -3.89 -8.48 -17.10
C TYR A 157 -2.49 -8.31 -17.67
N LYS A 158 -2.16 -7.09 -18.10
CA LYS A 158 -0.84 -6.77 -18.61
C LYS A 158 -0.18 -5.75 -17.69
N ARG A 159 1.08 -5.99 -17.36
CA ARG A 159 1.81 -5.14 -16.43
C ARG A 159 2.26 -3.86 -17.12
N VAL A 160 1.88 -2.72 -16.54
CA VAL A 160 2.30 -1.42 -17.02
C VAL A 160 2.96 -0.69 -15.85
N PRO A 161 3.83 0.29 -16.13
CA PRO A 161 4.54 0.98 -15.04
C PRO A 161 3.59 1.54 -13.99
N ILE A 162 3.90 1.26 -12.72
CA ILE A 162 3.13 1.82 -11.62
C ILE A 162 3.47 3.30 -11.47
N MET A 163 2.44 4.13 -11.38
CA MET A 163 2.65 5.57 -11.17
C MET A 163 3.15 5.81 -9.75
N HIS A 164 4.21 6.61 -9.63
CA HIS A 164 4.73 6.97 -8.32
C HIS A 164 3.65 7.62 -7.45
N LEU A 165 2.86 8.53 -8.04
CA LEU A 165 1.83 9.23 -7.28
C LEU A 165 0.90 8.25 -6.57
N ALA A 166 0.56 7.14 -7.22
CA ALA A 166 -0.34 6.17 -6.61
C ALA A 166 0.27 5.56 -5.36
N ALA A 167 1.60 5.36 -5.34
CA ALA A 167 2.26 4.89 -4.13
C ALA A 167 2.34 6.00 -3.08
N ASP A 168 2.53 7.25 -3.51
CA ASP A 168 2.53 8.36 -2.57
C ASP A 168 1.22 8.46 -1.80
N LEU A 169 0.09 8.27 -2.49
CA LEU A 169 -1.21 8.51 -1.89
C LEU A 169 -1.75 7.31 -1.12
N ASP A 170 -1.05 6.18 -1.11
CA ASP A 170 -1.60 4.96 -0.55
C ASP A 170 -1.51 4.93 0.97
N CYS A 171 -0.85 5.91 1.59
CA CYS A 171 -0.89 6.08 3.04
C CYS A 171 -2.06 6.93 3.51
N MET A 172 -2.75 7.62 2.59
CA MET A 172 -3.84 8.51 2.95
C MET A 172 -5.14 7.74 3.13
N THR A 173 -5.96 8.17 4.09
CA THR A 173 -7.24 7.53 4.35
C THR A 173 -8.44 8.39 4.00
N LEU A 174 -8.26 9.70 3.85
CA LEU A 174 -9.34 10.63 3.56
C LEU A 174 -8.99 11.47 2.34
N ALA A 175 -10.00 11.80 1.53
CA ALA A 175 -9.81 12.62 0.35
C ALA A 175 -10.96 13.61 0.21
N LEU A 176 -10.62 14.84 -0.18
CA LEU A 176 -11.62 15.90 -0.35
C LEU A 176 -11.33 16.68 -1.63
N PRO A 177 -12.04 16.36 -2.72
CA PRO A 177 -11.91 17.18 -3.93
C PRO A 177 -12.62 18.52 -3.76
N TYR A 178 -12.11 19.52 -4.47
CA TYR A 178 -12.77 20.83 -4.50
C TYR A 178 -12.17 21.65 -5.63
N MET A 179 -12.88 22.73 -5.98
CA MET A 179 -12.47 23.64 -7.03
C MET A 179 -11.75 24.83 -6.41
N ILE A 180 -10.83 25.42 -7.18
CA ILE A 180 -10.01 26.50 -6.65
C ILE A 180 -10.04 27.69 -7.59
N THR A 181 -9.59 28.83 -7.07
CA THR A 181 -9.44 30.06 -7.84
C THR A 181 -8.39 30.91 -7.12
N LEU A 182 -8.09 32.06 -7.70
CA LEU A 182 -7.06 32.95 -7.18
C LEU A 182 -7.69 34.13 -6.47
N ASP A 183 -7.15 34.46 -5.29
CA ASP A 183 -7.55 35.64 -4.53
C ASP A 183 -6.41 36.66 -4.46
N GLY A 184 -5.52 36.64 -5.45
CA GLY A 184 -4.35 37.49 -5.42
C GLY A 184 -3.19 36.78 -4.76
N ASP A 185 -2.49 35.96 -5.53
CA ASP A 185 -1.34 35.17 -5.07
C ASP A 185 -1.70 34.15 -4.00
N THR A 186 -2.99 33.84 -3.84
CA THR A 186 -3.43 32.87 -2.84
C THR A 186 -4.55 32.02 -3.42
N VAL A 187 -4.38 30.70 -3.34
CA VAL A 187 -5.39 29.77 -3.85
C VAL A 187 -6.50 29.64 -2.82
N VAL A 188 -7.73 29.86 -3.27
CA VAL A 188 -8.90 29.79 -2.38
C VAL A 188 -9.96 28.90 -3.02
N PRO A 189 -10.75 28.18 -2.22
CA PRO A 189 -11.83 27.37 -2.80
C PRO A 189 -12.91 28.23 -3.44
N VAL A 190 -13.44 27.75 -4.56
CA VAL A 190 -14.52 28.42 -5.28
C VAL A 190 -15.64 27.42 -5.50
N ALA A 191 -16.86 27.92 -5.55
CA ALA A 191 -18.00 27.01 -5.63
C ALA A 191 -18.13 26.46 -7.05
N PRO A 192 -18.58 25.21 -7.19
CA PRO A 192 -18.72 24.62 -8.52
C PRO A 192 -19.75 25.33 -9.37
N THR A 193 -19.30 25.97 -10.45
CA THR A 193 -20.20 26.64 -11.39
C THR A 193 -20.44 25.81 -12.63
N LEU A 194 -19.47 24.99 -13.03
CA LEU A 194 -19.64 24.11 -14.18
C LEU A 194 -20.09 22.74 -13.69
N SER A 195 -20.34 21.84 -14.63
CA SER A 195 -20.63 20.46 -14.29
C SER A 195 -19.36 19.62 -14.48
N ALA A 196 -19.36 18.44 -13.86
CA ALA A 196 -18.18 17.59 -13.93
C ALA A 196 -17.85 17.21 -15.36
N GLU A 197 -18.88 16.93 -16.16
CA GLU A 197 -18.67 16.57 -17.56
C GLU A 197 -17.89 17.67 -18.28
N GLN A 198 -18.21 18.93 -18.03
CA GLN A 198 -17.59 20.09 -18.69
C GLN A 198 -16.13 20.30 -18.28
N LEU A 199 -15.53 19.33 -17.58
CA LEU A 199 -14.10 19.36 -17.29
C LEU A 199 -13.31 18.45 -18.21
N LEU A 200 -13.99 17.62 -19.00
CA LEU A 200 -13.35 16.67 -19.90
C LEU A 200 -13.03 17.27 -21.26
N ASP A 201 -13.53 18.48 -21.56
CA ASP A 201 -13.30 19.12 -22.83
C ASP A 201 -12.20 20.17 -22.70
N ASP A 202 -11.95 20.88 -23.79
CA ASP A 202 -10.82 21.82 -23.89
C ASP A 202 -9.51 21.11 -23.57
N GLY A 203 -9.36 19.88 -24.05
CA GLY A 203 -8.15 19.12 -23.84
C GLY A 203 -7.86 18.77 -22.40
N LEU A 204 -8.91 18.61 -21.58
CA LEU A 204 -8.79 18.34 -20.15
C LEU A 204 -8.05 19.44 -19.40
N LYS A 205 -8.04 20.67 -19.92
CA LYS A 205 -7.35 21.75 -19.24
C LYS A 205 -8.16 22.34 -18.09
N GLY A 206 -9.45 21.98 -17.99
CA GLY A 206 -10.23 22.43 -16.86
C GLY A 206 -9.94 21.70 -15.56
N LEU A 207 -9.21 20.59 -15.63
CA LEU A 207 -8.84 19.86 -14.42
C LEU A 207 -7.77 20.59 -13.61
N ALA A 208 -7.09 21.57 -14.21
CA ALA A 208 -6.08 22.32 -13.48
C ALA A 208 -6.67 23.15 -12.35
N CYS A 209 -7.97 23.47 -12.42
CA CYS A 209 -8.66 24.22 -11.37
C CYS A 209 -9.29 23.32 -10.32
N MET A 210 -9.08 22.01 -10.38
CA MET A 210 -9.53 21.10 -9.35
C MET A 210 -8.35 20.65 -8.48
N ASP A 211 -8.65 20.38 -7.21
CA ASP A 211 -7.65 19.92 -6.26
C ASP A 211 -8.29 18.92 -5.30
N ILE A 212 -7.58 17.84 -5.02
CA ILE A 212 -7.99 16.87 -4.01
C ILE A 212 -7.04 17.00 -2.83
N SER A 213 -7.60 17.22 -1.63
CA SER A 213 -6.83 17.34 -0.40
C SER A 213 -6.86 15.98 0.32
N TYR A 214 -5.76 15.26 0.24
CA TYR A 214 -5.64 13.97 0.92
C TYR A 214 -5.19 14.18 2.37
N GLY A 215 -5.58 13.24 3.22
CA GLY A 215 -5.25 13.31 4.64
C GLY A 215 -5.20 11.94 5.27
N CYS A 216 -4.61 11.88 6.46
CA CYS A 216 -4.34 10.62 7.15
C CYS A 216 -5.22 10.41 8.37
N GLU A 217 -6.16 11.30 8.65
CA GLU A 217 -6.99 11.17 9.85
C GLU A 217 -8.16 10.23 9.62
N SER A 232 -0.06 16.82 8.18
CA SER A 232 -0.60 15.56 7.71
C SER A 232 -1.43 15.76 6.44
N SER A 233 -1.96 16.96 6.27
CA SER A 233 -2.76 17.28 5.09
C SER A 233 -1.87 17.52 3.88
N ARG A 234 -2.25 16.94 2.75
CA ARG A 234 -1.46 17.01 1.53
C ARG A 234 -2.39 17.22 0.35
N CYS A 235 -2.31 18.40 -0.29
CA CYS A 235 -3.05 18.66 -1.51
C CYS A 235 -2.35 18.03 -2.70
N ILE A 236 -3.13 17.46 -3.61
CA ILE A 236 -2.55 16.68 -4.70
C ILE A 236 -1.77 17.57 -5.67
N ASN A 237 -2.14 18.85 -5.77
CA ASN A 237 -1.37 19.77 -6.60
C ASN A 237 -0.11 20.27 -5.90
N GLU A 238 -0.02 20.15 -4.58
CA GLU A 238 1.25 20.39 -3.91
C GLU A 238 2.32 19.41 -4.36
N LEU A 239 1.92 18.18 -4.70
CA LEU A 239 2.84 17.14 -5.17
C LEU A 239 3.04 17.18 -6.68
N TYR A 240 2.70 18.28 -7.33
CA TYR A 240 2.81 18.35 -8.78
C TYR A 240 4.27 18.38 -9.20
N CYS A 241 4.57 17.72 -10.31
CA CYS A 241 5.92 17.63 -10.83
C CYS A 241 5.84 17.15 -12.27
N GLU A 242 6.93 17.35 -13.01
CA GLU A 242 6.97 16.86 -14.38
C GLU A 242 6.85 15.34 -14.40
N GLU A 243 7.46 14.66 -13.43
CA GLU A 243 7.36 13.21 -13.35
C GLU A 243 5.95 12.75 -13.00
N THR A 244 5.27 13.46 -12.11
CA THR A 244 3.96 13.06 -11.61
C THR A 244 2.79 13.72 -12.37
N ALA A 245 3.08 14.60 -13.33
CA ALA A 245 2.02 15.42 -13.93
C ALA A 245 0.93 14.56 -14.56
N GLU A 246 1.33 13.54 -15.32
CA GLU A 246 0.35 12.67 -15.97
C GLU A 246 -0.53 11.98 -14.94
N ALA A 247 0.07 11.48 -13.86
CA ALA A 247 -0.69 10.77 -12.84
C ALA A 247 -1.72 11.67 -12.18
N ILE A 248 -1.37 12.95 -11.97
CA ILE A 248 -2.31 13.91 -11.39
C ILE A 248 -3.57 13.99 -12.25
N CYS A 249 -3.40 14.12 -13.57
CA CYS A 249 -4.55 14.37 -14.45
C CYS A 249 -5.46 13.16 -14.56
N VAL A 250 -4.88 11.97 -14.70
CA VAL A 250 -5.68 10.74 -14.74
C VAL A 250 -6.50 10.57 -13.47
N LEU A 251 -5.87 10.78 -12.31
CA LEU A 251 -6.57 10.59 -11.05
C LEU A 251 -7.75 11.55 -10.97
N LYS A 252 -7.57 12.81 -11.37
CA LYS A 252 -8.68 13.74 -11.39
C LYS A 252 -9.76 13.30 -12.38
N THR A 253 -9.35 12.82 -13.55
CA THR A 253 -10.31 12.36 -14.55
C THR A 253 -11.18 11.21 -14.02
N CYS A 254 -10.56 10.26 -13.31
CA CYS A 254 -11.32 9.13 -12.78
C CYS A 254 -12.39 9.59 -11.81
N LEU A 255 -12.09 10.61 -11.01
CA LEU A 255 -13.10 11.18 -10.13
C LEU A 255 -14.21 11.84 -10.93
N VAL A 256 -13.85 12.59 -11.97
CA VAL A 256 -14.85 13.20 -12.84
C VAL A 256 -15.70 12.12 -13.51
N LEU A 257 -15.06 11.04 -13.94
CA LEU A 257 -15.81 9.95 -14.59
C LEU A 257 -16.78 9.30 -13.60
N ASN A 258 -16.32 9.02 -12.38
CA ASN A 258 -17.22 8.44 -11.38
C ASN A 258 -18.37 9.39 -11.05
N CYS A 259 -18.12 10.69 -11.13
CA CYS A 259 -19.20 11.66 -10.95
C CYS A 259 -20.21 11.57 -12.09
N MET A 260 -19.74 11.45 -13.33
CA MET A 260 -20.66 11.33 -14.45
C MET A 260 -21.50 10.07 -14.35
N GLN A 261 -20.86 8.92 -14.08
CA GLN A 261 -21.59 7.69 -13.85
C GLN A 261 -22.68 7.89 -12.79
N PHE A 262 -22.37 8.66 -11.75
CA PHE A 262 -23.36 8.92 -10.70
C PHE A 262 -24.54 9.70 -11.23
N LYS A 263 -24.28 10.81 -11.94
CA LYS A 263 -25.38 11.57 -12.53
C LYS A 263 -26.23 10.68 -13.44
N LEU A 264 -25.57 9.84 -14.24
CA LEU A 264 -26.28 9.04 -15.21
C LEU A 264 -27.21 8.04 -14.54
N GLU A 265 -26.78 7.45 -13.43
CA GLU A 265 -27.64 6.55 -12.69
C GLU A 265 -28.71 7.31 -11.90
N MET A 266 -28.37 8.50 -11.39
CA MET A 266 -29.37 9.32 -10.70
C MET A 266 -30.45 9.78 -11.67
N ASP A 267 -30.04 10.20 -12.87
CA ASP A 267 -31.01 10.59 -13.88
C ASP A 267 -31.88 9.40 -14.32
N ASP A 268 -31.26 8.23 -14.49
CA ASP A 268 -32.01 7.07 -14.97
C ASP A 268 -32.91 6.52 -13.88
N LEU A 269 -32.47 6.57 -12.63
CA LEU A 269 -33.28 6.05 -11.53
C LEU A 269 -34.61 6.77 -11.44
N ALA A 270 -34.62 8.08 -11.70
CA ALA A 270 -35.86 8.85 -11.68
C ALA A 270 -36.91 8.26 -12.60
N HIS A 271 -36.53 7.94 -13.84
CA HIS A 271 -37.42 7.37 -14.83
C HIS A 271 -37.47 5.85 -14.74
N ASN A 272 -37.28 5.28 -13.56
CA ASN A 272 -37.23 3.83 -13.33
C ASN A 272 -38.19 3.49 -12.21
N ALA A 273 -39.46 3.28 -12.55
CA ALA A 273 -40.44 2.93 -11.53
C ALA A 273 -40.14 1.57 -10.91
N ALA A 274 -39.68 0.63 -11.73
CA ALA A 274 -39.35 -0.72 -11.26
C ALA A 274 -38.53 -0.72 -9.98
N GLU A 275 -37.46 0.07 -9.94
CA GLU A 275 -36.58 0.11 -8.77
C GLU A 275 -36.98 1.17 -7.75
N LEU A 276 -37.41 2.35 -8.22
CA LEU A 276 -37.67 3.45 -7.29
C LEU A 276 -38.85 3.15 -6.39
N ASP A 277 -39.88 2.48 -6.92
CA ASP A 277 -41.05 2.13 -6.11
C ASP A 277 -40.71 1.13 -5.01
N LYS A 278 -39.62 0.37 -5.19
CA LYS A 278 -39.21 -0.60 -4.18
C LYS A 278 -38.67 0.08 -2.92
N ILE A 279 -38.04 1.23 -3.08
CA ILE A 279 -37.41 1.96 -1.99
C ILE A 279 -38.16 3.26 -1.69
N GLN A 280 -39.41 3.35 -2.16
CA GLN A 280 -40.13 4.62 -2.16
C GLN A 280 -40.27 5.22 -0.77
N MET A 281 -40.56 4.38 0.23
CA MET A 281 -40.81 4.87 1.58
C MET A 281 -39.65 4.61 2.53
N MET A 282 -38.47 4.30 1.99
CA MET A 282 -37.27 4.14 2.81
C MET A 282 -36.59 5.50 2.91
N ILE A 283 -36.97 6.26 3.94
CA ILE A 283 -36.30 7.55 4.20
C ILE A 283 -34.82 7.37 4.52
N PRO A 284 -34.40 6.35 5.28
CA PRO A 284 -32.96 6.11 5.44
C PRO A 284 -32.16 6.12 4.14
N PHE A 285 -32.74 5.73 3.02
CA PHE A 285 -32.00 5.76 1.76
C PHE A 285 -31.65 7.18 1.32
N SER A 286 -32.37 8.18 1.81
CA SER A 286 -32.06 9.56 1.41
C SER A 286 -30.70 10.01 1.93
N GLU A 287 -30.34 9.62 3.15
CA GLU A 287 -29.03 9.99 3.67
C GLU A 287 -27.91 9.39 2.83
N ARG A 288 -28.11 8.16 2.34
CA ARG A 288 -27.08 7.52 1.52
C ARG A 288 -26.91 8.25 0.20
N VAL A 289 -28.01 8.53 -0.49
CA VAL A 289 -27.93 9.28 -1.75
C VAL A 289 -27.34 10.66 -1.50
N PHE A 290 -27.72 11.30 -0.40
CA PHE A 290 -27.10 12.57 -0.03
C PHE A 290 -25.61 12.38 0.25
N ARG A 291 -25.28 11.37 1.05
CA ARG A 291 -23.87 11.04 1.30
C ARG A 291 -23.11 10.80 0.01
N MET A 292 -23.75 10.13 -0.95
CA MET A 292 -23.10 9.86 -2.24
C MET A 292 -22.92 11.15 -3.03
N ALA A 293 -24.00 11.90 -3.23
CA ALA A 293 -23.91 13.13 -3.99
C ALA A 293 -23.00 14.15 -3.30
N SER A 294 -22.87 14.05 -1.97
CA SER A 294 -21.95 14.93 -1.25
C SER A 294 -20.53 14.78 -1.76
N SER A 295 -20.17 13.61 -2.25
CA SER A 295 -18.81 13.38 -2.73
C SER A 295 -18.47 14.29 -3.89
N PHE A 296 -19.44 14.54 -4.77
CA PHE A 296 -19.24 15.37 -5.95
C PHE A 296 -19.78 16.79 -5.79
N ALA A 297 -20.33 17.12 -4.62
CA ALA A 297 -20.93 18.44 -4.43
C ALA A 297 -19.91 19.56 -4.53
N THR A 298 -18.62 19.26 -4.43
CA THR A 298 -17.59 20.29 -4.49
C THR A 298 -17.11 20.55 -5.91
N ILE A 299 -17.35 19.62 -6.82
CA ILE A 299 -16.86 19.75 -8.19
C ILE A 299 -17.97 19.75 -9.22
N ASP A 300 -19.18 19.36 -8.88
CA ASP A 300 -20.31 19.37 -9.81
C ASP A 300 -21.38 20.31 -9.31
N ALA A 301 -21.84 21.21 -10.21
CA ALA A 301 -22.81 22.21 -9.81
C ALA A 301 -24.18 21.60 -9.54
N GLN A 302 -24.54 20.54 -10.28
CA GLN A 302 -25.84 19.90 -10.04
C GLN A 302 -25.87 19.21 -8.69
N CYS A 303 -24.82 18.43 -8.38
CA CYS A 303 -24.73 17.81 -7.07
C CYS A 303 -24.64 18.85 -5.95
N PHE A 304 -24.05 20.00 -6.24
CA PHE A 304 -24.01 21.10 -5.28
C PHE A 304 -25.42 21.54 -4.90
N ARG A 305 -26.22 21.92 -5.91
CA ARG A 305 -27.58 22.38 -5.65
C ARG A 305 -28.44 21.28 -5.06
N PHE A 306 -28.23 20.04 -5.51
CA PHE A 306 -29.00 18.91 -4.98
C PHE A 306 -28.79 18.74 -3.48
N CYS A 307 -27.53 18.74 -3.04
CA CYS A 307 -27.25 18.54 -1.62
C CYS A 307 -27.72 19.72 -0.79
N VAL A 308 -27.58 20.94 -1.32
CA VAL A 308 -28.09 22.13 -0.63
C VAL A 308 -29.56 21.95 -0.27
N MET A 309 -30.38 21.62 -1.26
CA MET A 309 -31.83 21.47 -1.01
C MET A 309 -32.12 20.49 0.10
N MET A 310 -31.47 19.32 0.07
CA MET A 310 -31.81 18.29 1.05
C MET A 310 -31.38 18.69 2.47
N LYS A 311 -30.32 19.49 2.58
CA LYS A 311 -29.99 20.06 3.90
C LYS A 311 -31.08 21.04 4.36
N ASP A 312 -31.74 21.72 3.42
CA ASP A 312 -32.84 22.61 3.78
C ASP A 312 -34.02 21.83 4.34
N LYS A 313 -34.36 20.69 3.72
CA LYS A 313 -35.44 19.83 4.21
C LYS A 313 -34.97 18.85 5.27
N ASN A 314 -33.82 19.09 5.89
CA ASN A 314 -33.34 18.36 7.05
C ASN A 314 -33.12 16.86 6.78
N LEU A 315 -32.98 16.49 5.51
CA LEU A 315 -32.62 15.12 5.11
C LEU A 315 -33.61 14.09 5.64
N LYS A 316 -34.88 14.46 5.71
CA LYS A 316 -35.95 13.55 6.13
C LYS A 316 -36.99 13.49 5.01
N ILE A 317 -36.59 12.91 3.88
CA ILE A 317 -37.37 12.93 2.65
C ILE A 317 -37.41 11.53 2.08
N ASP A 318 -38.60 11.08 1.68
CA ASP A 318 -38.74 9.78 1.05
C ASP A 318 -38.05 9.77 -0.33
N MET A 319 -37.58 8.59 -0.72
CA MET A 319 -36.76 8.46 -1.93
C MET A 319 -37.42 9.11 -3.15
N ARG A 320 -38.71 8.85 -3.37
CA ARG A 320 -39.34 9.39 -4.57
C ARG A 320 -39.34 10.92 -4.54
N GLU A 321 -39.56 11.52 -3.37
CA GLU A 321 -39.48 12.97 -3.26
C GLU A 321 -38.05 13.45 -3.43
N THR A 322 -37.07 12.66 -2.98
CA THR A 322 -35.67 13.01 -3.20
C THR A 322 -35.24 13.27 -4.64
N THR A 323 -35.69 12.43 -5.57
CA THR A 323 -35.32 12.59 -6.98
C THR A 323 -35.94 13.78 -7.76
N ARG A 324 -37.00 14.37 -7.19
CA ARG A 324 -37.54 15.59 -7.77
C ARG A 324 -36.54 16.68 -7.41
N LEU A 325 -35.87 16.53 -6.26
CA LEU A 325 -34.85 17.47 -5.87
C LEU A 325 -33.66 17.27 -6.82
N TRP A 326 -33.34 16.02 -7.14
CA TRP A 326 -32.29 15.76 -8.12
C TRP A 326 -32.66 16.33 -9.49
N THR A 327 -33.94 16.28 -9.86
CA THR A 327 -34.34 16.72 -11.19
C THR A 327 -34.41 18.24 -11.28
N ARG A 328 -34.82 18.92 -10.21
CA ARG A 328 -34.76 20.37 -10.19
C ARG A 328 -33.31 20.87 -10.14
N SER A 329 -32.44 20.12 -9.46
CA SER A 329 -31.05 20.55 -9.28
C SER A 329 -30.33 20.79 -10.59
N ALA A 330 -30.93 20.33 -11.68
CA ALA A 330 -30.33 20.45 -13.03
C ALA A 330 -30.53 21.87 -13.55
N SER A 331 -31.26 22.72 -12.83
CA SER A 331 -31.53 24.08 -13.33
C SER A 331 -30.84 25.12 -12.44
N ASP A 332 -29.99 25.95 -13.03
CA ASP A 332 -29.22 26.97 -12.30
C ASP A 332 -30.12 27.80 -11.38
N ASP A 333 -31.41 27.88 -11.69
CA ASP A 333 -32.38 28.68 -10.97
C ASP A 333 -32.88 28.00 -9.70
N SER A 334 -32.58 26.71 -9.53
CA SER A 334 -33.22 25.92 -8.50
C SER A 334 -32.82 26.37 -7.09
N VAL A 335 -31.56 26.76 -6.91
CA VAL A 335 -31.08 27.31 -5.64
C VAL A 335 -30.23 28.53 -5.93
N ALA A 336 -30.21 29.47 -4.99
CA ALA A 336 -29.44 30.70 -5.12
C ALA A 336 -28.08 30.43 -4.48
N THR A 337 -27.08 30.15 -5.31
CA THR A 337 -25.74 29.83 -4.84
C THR A 337 -24.77 31.00 -4.96
N SER A 338 -25.18 32.08 -5.64
CA SER A 338 -24.26 33.19 -5.86
C SER A 338 -23.87 33.88 -4.56
N SER A 339 -24.81 33.96 -3.61
CA SER A 339 -24.56 34.62 -2.34
C SER A 339 -23.88 33.70 -1.32
N LEU A 340 -23.35 32.56 -1.74
CA LEU A 340 -22.80 31.56 -0.83
C LEU A 340 -21.29 31.63 -0.88
N SER A 341 -20.69 32.12 0.19
CA SER A 341 -19.22 32.13 0.33
C SER A 341 -18.78 30.84 1.01
N ILE A 342 -17.82 30.16 0.38
CA ILE A 342 -17.36 28.86 0.85
C ILE A 342 -15.95 28.99 1.43
N SER A 343 -15.66 28.15 2.42
CA SER A 343 -14.37 28.15 3.08
C SER A 343 -13.98 26.70 3.36
N LEU A 344 -12.67 26.47 3.46
CA LEU A 344 -12.14 25.15 3.73
C LEU A 344 -11.64 25.13 5.18
N ASP A 345 -12.22 24.26 5.99
CA ASP A 345 -11.94 24.21 7.42
C ASP A 345 -11.72 22.78 7.87
N ARG A 346 -10.52 22.51 8.41
CA ARG A 346 -10.17 21.23 9.02
C ARG A 346 -10.63 20.04 8.16
N GLY A 347 -10.25 20.08 6.89
CA GLY A 347 -10.54 18.98 5.99
C GLY A 347 -12.01 18.79 5.69
N ARG A 348 -12.82 19.82 5.89
CA ARG A 348 -14.23 19.79 5.56
C ARG A 348 -14.56 20.98 4.66
N TRP A 349 -15.41 20.76 3.67
CA TRP A 349 -15.77 21.79 2.71
C TRP A 349 -17.06 22.45 3.19
N VAL A 350 -16.94 23.67 3.72
CA VAL A 350 -18.09 24.42 4.20
C VAL A 350 -18.61 25.31 3.08
N ALA A 351 -19.92 25.25 2.85
CA ALA A 351 -20.63 26.23 2.05
C ALA A 351 -21.71 26.84 2.94
N ALA A 352 -21.61 28.14 3.19
CA ALA A 352 -22.52 28.74 4.15
C ALA A 352 -22.71 30.22 3.86
N ASP A 353 -23.92 30.69 4.08
CA ASP A 353 -24.24 32.11 4.07
C ASP A 353 -23.89 32.69 5.44
N ALA A 354 -23.83 34.03 5.51
CA ALA A 354 -23.49 34.70 6.76
C ALA A 354 -24.43 34.26 7.88
N SER A 355 -25.70 34.03 7.56
CA SER A 355 -26.69 33.68 8.58
C SER A 355 -26.37 32.34 9.24
N ASP A 356 -26.24 31.29 8.45
CA ASP A 356 -26.08 29.95 9.00
C ASP A 356 -25.34 29.08 7.99
N ALA A 357 -24.90 27.91 8.46
CA ALA A 357 -24.22 26.95 7.59
C ALA A 357 -25.24 26.22 6.73
N ARG A 358 -25.06 26.27 5.41
CA ARG A 358 -26.00 25.67 4.47
C ARG A 358 -25.61 24.24 4.10
N LEU A 359 -24.33 23.97 3.91
CA LEU A 359 -23.90 22.63 3.53
C LEU A 359 -22.51 22.33 4.09
N LEU A 360 -22.39 21.18 4.74
CA LEU A 360 -21.11 20.64 5.19
C LEU A 360 -20.79 19.39 4.37
N VAL A 361 -19.66 19.42 3.67
CA VAL A 361 -19.18 18.26 2.93
C VAL A 361 -18.00 17.67 3.69
N PHE A 362 -18.01 16.36 3.85
CA PHE A 362 -16.98 15.64 4.60
C PHE A 362 -16.12 14.82 3.64
N PRO A 363 -14.86 14.60 3.98
CA PRO A 363 -14.00 13.83 3.07
C PRO A 363 -14.47 12.39 2.98
N ILE A 364 -14.30 11.81 1.81
CA ILE A 364 -14.77 10.46 1.55
C ILE A 364 -13.72 9.46 2.00
N ARG A 365 -14.19 8.38 2.62
CA ARG A 365 -13.30 7.33 3.11
C ARG A 365 -12.59 6.65 1.94
N VAL A 366 -11.29 6.40 2.11
CA VAL A 366 -10.43 5.87 1.07
C VAL A 366 -10.55 6.69 -0.22
N GLY B 18 13.08 6.16 27.40
CA GLY B 18 13.58 5.27 28.43
C GLY B 18 15.06 5.02 28.36
N GLN B 19 15.55 4.06 29.14
CA GLN B 19 16.95 3.68 29.07
C GLN B 19 17.28 3.16 27.67
N GLN B 20 18.44 3.57 27.15
CA GLN B 20 18.86 3.22 25.80
C GLN B 20 19.77 2.01 25.82
N VAL B 21 19.49 1.05 24.94
CA VAL B 21 20.31 -0.14 24.78
C VAL B 21 20.80 -0.16 23.34
N CYS B 22 22.10 -0.43 23.17
CA CYS B 22 22.76 -0.46 21.86
C CYS B 22 22.34 0.71 20.98
N PRO B 23 22.69 1.95 21.36
CA PRO B 23 22.22 3.10 20.58
C PRO B 23 22.96 3.31 19.28
N ASN B 24 24.15 2.72 19.12
CA ASN B 24 24.94 2.85 17.91
C ASN B 24 24.81 1.63 17.01
N TYR B 25 23.65 0.98 17.03
CA TYR B 25 23.38 -0.20 16.23
C TYR B 25 22.02 -0.04 15.55
N VAL B 26 21.85 -0.76 14.44
CA VAL B 26 20.64 -0.64 13.64
C VAL B 26 19.60 -1.65 14.12
N MET B 27 19.89 -2.94 13.97
CA MET B 27 18.91 -3.98 14.28
C MET B 27 18.64 -4.10 15.77
N LEU B 28 19.63 -3.79 16.62
CA LEU B 28 19.52 -4.02 18.04
C LEU B 28 19.23 -2.77 18.86
N ARG B 29 19.01 -1.63 18.21
CA ARG B 29 18.62 -0.42 18.93
C ARG B 29 17.35 -0.68 19.72
N SER B 30 17.42 -0.45 21.04
CA SER B 30 16.32 -0.77 21.94
C SER B 30 16.10 0.35 22.94
N SER B 31 14.92 0.32 23.56
CA SER B 31 14.53 1.30 24.58
C SER B 31 13.73 0.56 25.64
N VAL B 32 14.32 0.36 26.83
CA VAL B 32 13.68 -0.36 27.91
C VAL B 32 13.23 0.62 28.99
N THR B 33 12.11 0.30 29.65
CA THR B 33 11.56 1.12 30.72
C THR B 33 11.15 0.20 31.86
N THR B 34 11.96 0.15 32.92
CA THR B 34 11.63 -0.60 34.11
C THR B 34 10.58 0.14 34.93
N LYS B 35 9.54 -0.58 35.37
CA LYS B 35 8.43 0.03 36.11
C LYS B 35 8.01 -0.93 37.22
N VAL B 36 7.82 -0.37 38.43
CA VAL B 36 7.47 -1.15 39.62
C VAL B 36 6.00 -0.94 39.92
N VAL B 37 5.22 -2.02 39.83
CA VAL B 37 3.79 -2.03 40.14
C VAL B 37 3.54 -3.03 41.25
N ARG B 38 2.88 -2.59 42.33
CA ARG B 38 2.59 -3.42 43.49
C ARG B 38 3.87 -4.05 44.05
N ASN B 39 4.94 -3.25 44.09
CA ASN B 39 6.27 -3.68 44.54
C ASN B 39 6.79 -4.85 43.71
N VAL B 40 6.32 -4.97 42.47
CA VAL B 40 6.77 -5.97 41.51
C VAL B 40 7.29 -5.22 40.29
N VAL B 41 8.55 -5.45 39.93
CA VAL B 41 9.15 -4.77 38.80
C VAL B 41 8.72 -5.45 37.51
N GLU B 42 8.38 -4.63 36.51
CA GLU B 42 7.94 -5.12 35.20
C GLU B 42 8.70 -4.38 34.12
N TYR B 43 9.28 -5.13 33.19
CA TYR B 43 10.10 -4.58 32.11
C TYR B 43 9.31 -4.53 30.81
N GLN B 44 9.28 -3.34 30.20
CA GLN B 44 8.68 -3.13 28.89
C GLN B 44 9.79 -2.82 27.90
N ILE B 45 9.95 -3.70 26.91
CA ILE B 45 11.06 -3.61 25.96
C ILE B 45 10.53 -3.13 24.61
N ARG B 46 11.30 -2.27 23.97
CA ARG B 46 11.00 -1.78 22.62
C ARG B 46 12.23 -1.99 21.76
N THR B 47 12.07 -2.68 20.64
CA THR B 47 13.17 -2.97 19.71
C THR B 47 12.77 -2.39 18.35
N GLY B 48 12.86 -1.06 18.23
CA GLY B 48 12.37 -0.42 17.02
C GLY B 48 13.22 -0.71 15.81
N GLY B 49 14.55 -0.75 15.98
CA GLY B 49 15.43 -1.00 14.86
C GLY B 49 15.20 -2.34 14.21
N PHE B 50 14.95 -3.38 15.02
CA PHE B 50 14.66 -4.70 14.47
C PHE B 50 13.42 -4.69 13.60
N PHE B 51 12.29 -4.25 14.16
CA PHE B 51 11.04 -4.28 13.40
C PHE B 51 11.02 -3.27 12.26
N SER B 52 11.88 -2.25 12.32
CA SER B 52 12.07 -1.39 11.17
C SER B 52 12.79 -2.10 10.04
N CYS B 53 13.81 -2.91 10.36
CA CYS B 53 14.57 -3.58 9.31
C CYS B 53 13.83 -4.78 8.73
N LEU B 54 13.07 -5.52 9.54
CA LEU B 54 12.29 -6.61 8.97
C LEU B 54 11.10 -6.11 8.17
N ALA B 55 10.59 -4.91 8.50
CA ALA B 55 9.54 -4.32 7.70
C ALA B 55 9.95 -4.08 6.26
N MET B 56 11.24 -4.21 5.95
CA MET B 56 11.70 -4.17 4.56
C MET B 56 11.12 -5.33 3.75
N LEU B 57 10.59 -6.35 4.40
CA LEU B 57 9.99 -7.48 3.68
C LEU B 57 8.77 -7.05 2.88
N ARG B 58 8.16 -5.91 3.23
CA ARG B 58 7.04 -5.32 2.50
C ARG B 58 7.48 -3.94 2.06
N PRO B 59 8.16 -3.83 0.92
CA PRO B 59 8.90 -2.60 0.61
C PRO B 59 8.05 -1.34 0.56
N LEU B 60 6.88 -1.40 -0.06
CA LEU B 60 6.03 -0.22 -0.15
C LEU B 60 5.62 0.27 1.24
N GLN B 61 5.36 -0.66 2.16
CA GLN B 61 5.03 -0.27 3.53
C GLN B 61 6.24 0.28 4.28
N TYR B 62 7.43 -0.22 3.96
CA TYR B 62 8.65 0.32 4.58
C TYR B 62 8.86 1.78 4.23
N ALA B 63 8.47 2.18 3.02
CA ALA B 63 8.68 3.53 2.53
C ALA B 63 7.39 4.33 2.46
N LYS B 64 6.31 3.82 3.03
CA LYS B 64 4.99 4.42 2.82
C LYS B 64 4.90 5.78 3.50
N ARG B 65 5.60 5.97 4.61
CA ARG B 65 5.59 7.25 5.31
C ARG B 65 6.73 8.16 4.85
N GLU B 66 7.88 7.60 4.48
CA GLU B 66 9.01 8.41 4.09
C GLU B 66 8.86 9.03 2.71
N ARG B 67 8.04 8.44 1.83
CA ARG B 67 7.88 8.98 0.48
C ARG B 67 7.18 10.33 0.47
N LEU B 68 6.53 10.71 1.57
CA LEU B 68 5.83 11.99 1.60
C LEU B 68 6.75 13.12 2.02
N LEU B 69 7.77 12.82 2.82
CA LEU B 69 8.78 13.81 3.16
C LEU B 69 9.62 14.14 1.92
N GLY B 70 9.90 15.42 1.72
CA GLY B 70 10.68 15.84 0.57
C GLY B 70 12.17 15.62 0.79
N GLN B 71 12.93 15.77 -0.30
CA GLN B 71 14.37 15.51 -0.24
C GLN B 71 15.06 16.37 0.80
N ARG B 72 14.46 17.50 1.20
CA ARG B 72 15.10 18.37 2.18
C ARG B 72 15.37 17.64 3.48
N ASN B 73 14.55 16.63 3.81
CA ASN B 73 14.78 15.82 5.01
C ASN B 73 16.20 15.29 5.05
N LEU B 74 16.63 14.59 3.99
CA LEU B 74 17.97 14.01 3.96
C LEU B 74 19.04 15.07 4.17
N GLU B 75 18.85 16.25 3.58
CA GLU B 75 19.84 17.32 3.70
C GLU B 75 20.05 17.71 5.16
N ARG B 76 18.96 17.82 5.93
CA ARG B 76 19.08 18.21 7.34
C ARG B 76 19.92 17.22 8.12
N ILE B 77 19.76 15.93 7.86
CA ILE B 77 20.55 14.92 8.57
C ILE B 77 21.99 14.91 8.05
N SER B 78 22.18 15.06 6.74
CA SER B 78 23.53 15.01 6.17
C SER B 78 24.39 16.16 6.66
N THR B 79 23.82 17.37 6.76
CA THR B 79 24.60 18.54 7.15
C THR B 79 25.11 18.45 8.58
N ARG B 80 24.54 17.56 9.39
CA ARG B 80 24.94 17.43 10.79
C ARG B 80 26.35 16.85 10.87
N ASP B 81 27.19 17.47 11.69
CA ASP B 81 28.55 16.98 11.89
C ASP B 81 28.60 15.83 12.90
N ILE B 82 27.51 15.59 13.63
CA ILE B 82 27.47 14.51 14.61
C ILE B 82 27.68 13.17 13.92
N LEU B 83 26.97 12.94 12.82
CA LEU B 83 27.11 11.76 11.97
C LEU B 83 27.10 10.47 12.79
N GLN B 84 25.98 10.24 13.47
CA GLN B 84 25.81 9.02 14.24
C GLN B 84 25.37 7.87 13.33
N THR B 85 25.25 6.67 13.91
CA THR B 85 24.89 5.50 13.12
C THR B 85 23.46 5.60 12.61
N ARG B 86 22.53 6.07 13.44
CA ARG B 86 21.15 6.23 13.01
C ARG B 86 21.06 7.21 11.85
N ASP B 87 21.88 8.25 11.86
CA ASP B 87 21.93 9.20 10.74
C ASP B 87 22.50 8.54 9.49
N LEU B 88 23.54 7.71 9.65
CA LEU B 88 24.20 7.12 8.50
C LEU B 88 23.38 5.99 7.88
N HIS B 89 22.56 5.32 8.68
CA HIS B 89 21.64 4.33 8.13
C HIS B 89 20.62 4.98 7.21
N SER B 90 20.08 6.13 7.62
CA SER B 90 19.12 6.84 6.78
C SER B 90 19.73 7.23 5.44
N LEU B 91 21.04 7.41 5.40
CA LEU B 91 21.74 7.78 4.17
C LEU B 91 22.21 6.56 3.38
N CYS B 92 21.97 5.35 3.88
CA CYS B 92 22.41 4.11 3.23
C CYS B 92 23.92 4.15 2.97
N MET B 93 24.66 4.52 4.00
CA MET B 93 26.09 4.74 3.95
C MET B 93 26.80 3.76 4.88
N PRO B 94 28.12 3.56 4.70
CA PRO B 94 28.86 2.76 5.67
C PRO B 94 28.80 3.38 7.04
N THR B 95 28.66 2.55 8.07
CA THR B 95 28.48 3.04 9.43
C THR B 95 29.69 2.80 10.34
N PRO B 96 30.53 3.80 10.57
CA PRO B 96 31.51 3.67 11.65
C PRO B 96 30.80 3.64 13.00
N ASP B 97 31.46 3.02 13.97
CA ASP B 97 30.93 2.79 15.32
C ASP B 97 29.88 1.70 15.34
N ALA B 98 29.75 0.92 14.26
CA ALA B 98 28.81 -0.18 14.18
C ALA B 98 29.42 -1.27 13.32
N PRO B 99 29.08 -2.54 13.56
CA PRO B 99 29.73 -3.63 12.82
C PRO B 99 29.39 -3.58 11.33
N MET B 100 30.37 -3.95 10.51
CA MET B 100 30.20 -3.98 9.06
C MET B 100 30.84 -5.25 8.53
N SER B 101 30.61 -5.54 7.25
CA SER B 101 30.98 -6.82 6.66
C SER B 101 31.78 -6.61 5.38
N ASN B 102 32.40 -7.70 4.92
CA ASN B 102 33.17 -7.70 3.69
C ASN B 102 32.75 -8.83 2.74
N HIS B 103 31.68 -9.55 3.05
CA HIS B 103 31.35 -10.74 2.26
C HIS B 103 30.76 -10.33 0.92
N GLN B 104 31.40 -10.78 -0.15
CA GLN B 104 30.95 -10.51 -1.52
C GLN B 104 30.67 -9.03 -1.74
N ALA B 105 31.51 -8.19 -1.14
CA ALA B 105 31.37 -6.75 -1.33
C ALA B 105 31.53 -6.37 -2.79
N SER B 106 32.43 -7.06 -3.50
CA SER B 106 32.63 -6.82 -4.92
C SER B 106 31.32 -7.02 -5.69
N THR B 107 30.67 -8.16 -5.49
CA THR B 107 29.42 -8.42 -6.20
C THR B 107 28.25 -7.61 -5.66
N MET B 108 28.33 -7.15 -4.41
CA MET B 108 27.29 -6.28 -3.87
C MET B 108 27.29 -4.94 -4.57
N ARG B 109 28.48 -4.40 -4.87
CA ARG B 109 28.58 -3.09 -5.49
C ARG B 109 28.09 -3.12 -6.93
N GLU B 110 28.54 -4.11 -7.71
CA GLU B 110 28.05 -4.23 -9.08
C GLU B 110 26.57 -4.55 -9.14
N LEU B 111 25.98 -5.02 -8.03
CA LEU B 111 24.52 -5.19 -7.98
C LEU B 111 23.82 -3.86 -7.77
N ILE B 112 24.43 -2.95 -6.99
CA ILE B 112 23.96 -1.58 -6.93
C ILE B 112 23.99 -0.96 -8.32
N CYS B 113 25.11 -1.09 -9.01
CA CYS B 113 25.28 -0.46 -10.32
C CYS B 113 24.32 -1.04 -11.35
N SER B 114 23.91 -2.30 -11.18
CA SER B 114 23.03 -2.92 -12.15
C SER B 114 21.58 -2.53 -11.92
N TYR B 115 21.11 -2.65 -10.67
CA TYR B 115 19.71 -2.36 -10.37
C TYR B 115 19.39 -0.88 -10.58
N PHE B 116 20.25 0.00 -10.08
CA PHE B 116 20.04 1.44 -10.17
C PHE B 116 20.63 2.05 -11.43
N LYS B 117 21.24 1.25 -12.30
CA LYS B 117 21.81 1.72 -13.57
C LYS B 117 22.78 2.88 -13.34
N VAL B 118 23.43 2.87 -12.17
CA VAL B 118 24.38 3.89 -11.77
C VAL B 118 25.78 3.36 -12.07
N ASP B 119 26.75 4.27 -12.15
CA ASP B 119 28.07 3.90 -12.62
C ASP B 119 28.95 3.46 -11.44
N HIS B 120 30.19 3.10 -11.75
CA HIS B 120 31.07 2.51 -10.75
C HIS B 120 31.60 3.55 -9.78
N ALA B 121 32.10 4.68 -10.31
CA ALA B 121 32.86 5.64 -9.50
C ALA B 121 32.15 6.01 -8.21
N ASP B 122 30.86 6.31 -8.27
CA ASP B 122 30.11 6.66 -7.06
C ASP B 122 29.31 5.48 -6.51
N GLY B 123 29.35 4.33 -7.18
CA GLY B 123 28.95 3.10 -6.53
C GLY B 123 29.91 2.71 -5.42
N LEU B 124 31.17 3.14 -5.52
CA LEU B 124 32.10 3.01 -4.40
C LEU B 124 31.64 3.77 -3.17
N LYS B 125 30.77 4.76 -3.32
CA LYS B 125 30.40 5.54 -2.15
C LYS B 125 29.43 4.79 -1.25
N TYR B 126 28.80 3.73 -1.77
CA TYR B 126 28.07 2.80 -0.91
C TYR B 126 29.01 1.77 -0.30
N ILE B 127 29.83 1.14 -1.13
CA ILE B 127 30.81 0.16 -0.70
C ILE B 127 32.20 0.65 -1.10
N PRO B 128 32.96 1.25 -0.17
CA PRO B 128 34.24 1.89 -0.53
C PRO B 128 35.34 0.91 -0.90
N MET B 129 36.55 1.44 -1.07
CA MET B 129 37.71 0.58 -1.33
C MET B 129 38.03 -0.30 -0.15
N ASP B 130 37.56 0.07 1.05
CA ASP B 130 37.66 -0.82 2.20
C ASP B 130 36.87 -2.11 1.96
N GLU B 131 35.81 -2.03 1.15
CA GLU B 131 34.88 -3.11 0.89
C GLU B 131 34.08 -3.47 2.14
N ARG B 132 34.09 -2.58 3.12
CA ARG B 132 33.20 -2.68 4.28
C ARG B 132 31.89 -1.97 3.96
N TYR B 133 30.78 -2.61 4.29
CA TYR B 133 29.47 -2.00 4.13
C TYR B 133 28.59 -2.41 5.31
N SER B 134 27.55 -1.61 5.54
CA SER B 134 26.52 -1.98 6.50
C SER B 134 25.44 -2.78 5.78
N PRO B 135 25.26 -4.06 6.11
CA PRO B 135 24.25 -4.85 5.39
C PRO B 135 22.85 -4.26 5.47
N SER B 136 22.47 -3.70 6.62
CA SER B 136 21.15 -3.07 6.71
C SER B 136 21.09 -1.78 5.92
N SER B 137 22.18 -1.02 5.86
CA SER B 137 22.21 0.16 5.00
C SER B 137 22.07 -0.24 3.54
N LEU B 138 22.70 -1.36 3.17
CA LEU B 138 22.49 -1.92 1.84
C LEU B 138 21.06 -2.40 1.65
N ALA B 139 20.52 -3.11 2.66
CA ALA B 139 19.14 -3.56 2.57
C ALA B 139 18.17 -2.39 2.44
N ARG B 140 18.42 -1.31 3.18
CA ARG B 140 17.59 -0.12 3.05
C ARG B 140 17.68 0.47 1.65
N LEU B 141 18.89 0.54 1.09
CA LEU B 141 19.07 1.06 -0.27
C LEU B 141 18.23 0.27 -1.28
N PHE B 142 18.32 -1.07 -1.22
CA PHE B 142 17.60 -1.89 -2.19
C PHE B 142 16.10 -1.91 -1.91
N THR B 143 15.71 -1.87 -0.63
CA THR B 143 14.28 -1.87 -0.31
C THR B 143 13.61 -0.59 -0.78
N MET B 144 14.26 0.56 -0.55
CA MET B 144 13.71 1.81 -1.05
C MET B 144 13.63 1.83 -2.56
N GLY B 145 14.59 1.20 -3.24
CA GLY B 145 14.55 1.13 -4.69
C GLY B 145 13.34 0.36 -5.19
N MET B 146 12.99 -0.73 -4.51
CA MET B 146 11.81 -1.50 -4.90
C MET B 146 10.54 -0.71 -4.68
N ALA B 147 10.53 0.17 -3.69
CA ALA B 147 9.40 1.08 -3.47
C ALA B 147 9.42 2.29 -4.41
N GLY B 148 10.42 2.40 -5.27
CA GLY B 148 10.47 3.45 -6.26
C GLY B 148 11.34 4.64 -5.95
N LEU B 149 12.15 4.57 -4.89
CA LEU B 149 12.97 5.70 -4.46
C LEU B 149 14.43 5.26 -4.38
N HIS B 150 15.31 6.01 -5.04
CA HIS B 150 16.74 5.69 -5.06
C HIS B 150 17.47 6.69 -4.19
N ILE B 151 17.94 6.23 -3.03
CA ILE B 151 18.78 7.08 -2.17
C ILE B 151 20.12 7.27 -2.85
N THR B 152 20.47 8.53 -3.12
CA THR B 152 21.63 8.85 -3.94
C THR B 152 22.86 9.11 -3.07
N THR B 153 24.01 9.18 -3.74
CA THR B 153 25.26 9.51 -3.04
C THR B 153 25.15 10.89 -2.40
N GLU B 154 24.65 11.87 -3.15
CA GLU B 154 24.22 13.11 -2.55
C GLU B 154 22.92 12.88 -1.79
N PRO B 155 22.62 13.70 -0.80
CA PRO B 155 21.38 13.49 -0.04
C PRO B 155 20.15 13.88 -0.83
N SER B 156 19.68 13.00 -1.70
CA SER B 156 18.54 13.29 -2.57
C SER B 156 17.74 12.02 -2.82
N TYR B 157 16.44 12.20 -3.07
CA TYR B 157 15.55 11.11 -3.45
C TYR B 157 15.33 11.17 -4.96
N LYS B 158 15.66 10.10 -5.66
CA LYS B 158 15.44 10.00 -7.10
C LYS B 158 14.40 8.92 -7.38
N ARG B 159 13.46 9.23 -8.26
CA ARG B 159 12.38 8.30 -8.59
C ARG B 159 12.89 7.23 -9.54
N VAL B 160 12.74 5.97 -9.16
CA VAL B 160 13.09 4.83 -10.00
C VAL B 160 11.84 3.97 -10.13
N PRO B 161 11.75 3.14 -11.18
CA PRO B 161 10.54 2.35 -11.38
C PRO B 161 10.19 1.52 -10.16
N ILE B 162 8.91 1.60 -9.76
CA ILE B 162 8.42 0.78 -8.66
C ILE B 162 8.27 -0.66 -9.12
N MET B 163 8.83 -1.58 -8.35
CA MET B 163 8.71 -3.00 -8.67
C MET B 163 7.28 -3.46 -8.45
N HIS B 164 6.72 -4.14 -9.46
CA HIS B 164 5.38 -4.69 -9.34
C HIS B 164 5.26 -5.62 -8.14
N LEU B 165 6.25 -6.47 -7.93
CA LEU B 165 6.22 -7.41 -6.81
C LEU B 165 5.98 -6.70 -5.49
N ALA B 166 6.58 -5.52 -5.31
CA ALA B 166 6.41 -4.78 -4.06
C ALA B 166 4.96 -4.35 -3.88
N ALA B 167 4.27 -4.01 -4.97
CA ALA B 167 2.84 -3.72 -4.88
C ALA B 167 2.03 -4.99 -4.69
N ASP B 168 2.46 -6.09 -5.31
CA ASP B 168 1.76 -7.36 -5.12
C ASP B 168 1.74 -7.77 -3.65
N LEU B 169 2.86 -7.60 -2.96
CA LEU B 169 3.02 -8.11 -1.60
C LEU B 169 2.49 -7.16 -0.53
N ASP B 170 2.02 -5.97 -0.90
CA ASP B 170 1.69 -4.96 0.10
C ASP B 170 0.35 -5.20 0.76
N CYS B 171 -0.42 -6.19 0.32
CA CYS B 171 -1.62 -6.62 1.02
C CYS B 171 -1.33 -7.67 2.10
N MET B 172 -0.12 -8.22 2.11
CA MET B 172 0.24 -9.30 3.04
C MET B 172 0.64 -8.73 4.39
N THR B 173 0.30 -9.47 5.45
CA THR B 173 0.64 -9.05 6.80
C THR B 173 1.63 -9.96 7.49
N LEU B 174 1.81 -11.19 7.00
CA LEU B 174 2.72 -12.16 7.61
C LEU B 174 3.66 -12.71 6.55
N ALA B 175 4.90 -12.99 6.96
CA ALA B 175 5.90 -13.55 6.06
C ALA B 175 6.73 -14.58 6.80
N LEU B 176 7.04 -15.68 6.11
CA LEU B 176 7.82 -16.77 6.69
C LEU B 176 8.88 -17.25 5.71
N PRO B 177 10.12 -16.80 5.87
CA PRO B 177 11.21 -17.35 5.05
C PRO B 177 11.56 -18.76 5.47
N TYR B 178 12.04 -19.54 4.50
CA TYR B 178 12.52 -20.89 4.77
C TYR B 178 13.30 -21.38 3.57
N MET B 179 14.10 -22.42 3.80
CA MET B 179 14.90 -23.05 2.75
C MET B 179 14.15 -24.25 2.22
N ILE B 180 14.39 -24.56 0.93
CA ILE B 180 13.63 -25.61 0.26
C ILE B 180 14.58 -26.60 -0.40
N THR B 181 14.02 -27.75 -0.76
CA THR B 181 14.72 -28.78 -1.51
C THR B 181 13.67 -29.64 -2.23
N LEU B 182 14.15 -30.61 -2.99
CA LEU B 182 13.29 -31.46 -3.81
C LEU B 182 13.14 -32.84 -3.18
N ASP B 183 11.91 -33.36 -3.20
CA ASP B 183 11.62 -34.70 -2.73
C ASP B 183 11.24 -35.62 -3.89
N GLY B 184 11.74 -35.32 -5.09
CA GLY B 184 11.35 -36.04 -6.27
C GLY B 184 10.13 -35.40 -6.89
N ASP B 185 10.35 -34.32 -7.64
CA ASP B 185 9.31 -33.52 -8.28
C ASP B 185 8.39 -32.83 -7.27
N THR B 186 8.79 -32.76 -5.99
CA THR B 186 7.99 -32.14 -4.96
C THR B 186 8.88 -31.29 -4.07
N VAL B 187 8.52 -30.02 -3.93
CA VAL B 187 9.28 -29.08 -3.10
C VAL B 187 8.96 -29.34 -1.63
N VAL B 188 9.99 -29.52 -0.82
CA VAL B 188 9.83 -29.79 0.60
C VAL B 188 10.74 -28.86 1.40
N PRO B 189 10.33 -28.44 2.60
CA PRO B 189 11.21 -27.61 3.43
C PRO B 189 12.45 -28.38 3.86
N VAL B 190 13.60 -27.69 3.84
CA VAL B 190 14.86 -28.27 4.29
C VAL B 190 15.48 -27.35 5.32
N ALA B 191 16.25 -27.95 6.24
CA ALA B 191 16.79 -27.19 7.35
C ALA B 191 18.00 -26.38 6.91
N PRO B 192 18.22 -25.20 7.50
CA PRO B 192 19.40 -24.40 7.15
C PRO B 192 20.68 -25.12 7.55
N THR B 193 21.49 -25.43 6.55
CA THR B 193 22.80 -26.05 6.76
C THR B 193 23.94 -25.08 6.53
N LEU B 194 23.75 -24.09 5.67
CA LEU B 194 24.72 -23.06 5.41
C LEU B 194 24.34 -21.82 6.20
N SER B 195 25.27 -20.87 6.28
CA SER B 195 24.95 -19.60 6.91
C SER B 195 24.30 -18.68 5.87
N ALA B 196 23.58 -17.67 6.37
CA ALA B 196 22.90 -16.75 5.47
C ALA B 196 23.88 -16.04 4.55
N GLU B 197 25.05 -15.70 5.10
CA GLU B 197 26.09 -15.04 4.30
C GLU B 197 26.43 -15.87 3.06
N GLN B 198 26.49 -17.19 3.22
CA GLN B 198 26.87 -18.10 2.14
C GLN B 198 25.78 -18.26 1.11
N LEU B 199 24.80 -17.35 1.10
CA LEU B 199 23.76 -17.31 0.09
C LEU B 199 23.93 -16.13 -0.83
N LEU B 200 24.92 -15.27 -0.57
CA LEU B 200 25.21 -14.09 -1.36
C LEU B 200 26.34 -14.33 -2.35
N ASP B 201 26.95 -15.51 -2.30
CA ASP B 201 28.05 -15.86 -3.17
C ASP B 201 27.55 -16.73 -4.32
N ASP B 202 28.48 -17.15 -5.18
CA ASP B 202 28.14 -17.89 -6.40
C ASP B 202 27.13 -17.11 -7.24
N GLY B 203 27.34 -15.80 -7.34
CA GLY B 203 26.46 -14.96 -8.12
C GLY B 203 25.06 -14.86 -7.57
N LEU B 204 24.90 -14.98 -6.25
CA LEU B 204 23.60 -14.97 -5.59
C LEU B 204 22.69 -16.09 -6.10
N LYS B 205 23.28 -17.22 -6.50
CA LYS B 205 22.49 -18.32 -7.02
C LYS B 205 22.01 -19.26 -5.92
N GLY B 206 22.47 -19.06 -4.69
CA GLY B 206 21.95 -19.83 -3.58
C GLY B 206 20.62 -19.38 -3.05
N LEU B 207 20.13 -18.24 -3.54
CA LEU B 207 18.82 -17.74 -3.17
C LEU B 207 17.68 -18.49 -3.84
N ALA B 208 17.97 -19.27 -4.89
CA ALA B 208 16.93 -20.03 -5.55
C ALA B 208 16.39 -21.15 -4.66
N CYS B 209 17.11 -21.52 -3.61
CA CYS B 209 16.67 -22.52 -2.66
C CYS B 209 15.95 -21.91 -1.46
N MET B 210 15.75 -20.61 -1.45
CA MET B 210 14.98 -19.93 -0.41
C MET B 210 13.59 -19.57 -0.94
N ASP B 211 12.61 -19.63 -0.04
CA ASP B 211 11.23 -19.27 -0.35
C ASP B 211 10.65 -18.52 0.84
N ILE B 212 9.79 -17.55 0.54
CA ILE B 212 9.05 -16.81 1.56
C ILE B 212 7.56 -17.00 1.30
N SER B 213 6.85 -17.53 2.29
CA SER B 213 5.40 -17.74 2.21
C SER B 213 4.69 -16.55 2.83
N TYR B 214 4.20 -15.65 1.99
CA TYR B 214 3.43 -14.51 2.47
C TYR B 214 1.98 -14.90 2.72
N GLY B 215 1.35 -14.22 3.69
CA GLY B 215 0.00 -14.52 4.07
C GLY B 215 -0.72 -13.32 4.65
N CYS B 216 -2.04 -13.43 4.73
CA CYS B 216 -2.91 -12.33 5.14
C CYS B 216 -3.52 -12.52 6.52
N GLU B 217 -3.07 -13.52 7.28
CA GLU B 217 -3.61 -13.76 8.62
C GLU B 217 -2.97 -12.82 9.64
N SER B 232 -5.04 -17.30 0.74
CA SER B 232 -4.31 -16.09 1.04
C SER B 232 -2.80 -16.34 1.10
N SER B 233 -2.42 -17.60 1.30
CA SER B 233 -1.01 -17.95 1.36
C SER B 233 -0.41 -17.90 -0.04
N ARG B 234 0.73 -17.22 -0.17
CA ARG B 234 1.36 -17.01 -1.47
C ARG B 234 2.87 -17.15 -1.30
N CYS B 235 3.45 -18.18 -1.90
CA CYS B 235 4.90 -18.32 -1.90
C CYS B 235 5.52 -17.39 -2.94
N ILE B 236 6.64 -16.76 -2.57
CA ILE B 236 7.21 -15.73 -3.42
C ILE B 236 7.73 -16.32 -4.73
N ASN B 237 8.14 -17.59 -4.72
CA ASN B 237 8.55 -18.25 -5.96
C ASN B 237 7.37 -18.69 -6.81
N GLU B 238 6.17 -18.82 -6.22
CA GLU B 238 4.99 -19.02 -7.04
C GLU B 238 4.71 -17.83 -7.95
N LEU B 239 5.08 -16.62 -7.51
CA LEU B 239 4.90 -15.41 -8.29
C LEU B 239 6.08 -15.11 -9.19
N TYR B 240 6.95 -16.08 -9.43
CA TYR B 240 8.15 -15.84 -10.23
C TYR B 240 7.77 -15.61 -11.69
N CYS B 241 8.50 -14.72 -12.34
CA CYS B 241 8.24 -14.34 -13.72
C CYS B 241 9.45 -13.60 -14.25
N GLU B 242 9.54 -13.50 -15.57
CA GLU B 242 10.63 -12.73 -16.17
C GLU B 242 10.54 -11.27 -15.77
N GLU B 243 9.32 -10.73 -15.65
CA GLU B 243 9.15 -9.35 -15.22
C GLU B 243 9.54 -9.16 -13.76
N THR B 244 9.19 -10.13 -12.90
CA THR B 244 9.40 -10.00 -11.47
C THR B 244 10.69 -10.65 -10.98
N ALA B 245 11.48 -11.27 -11.88
CA ALA B 245 12.61 -12.09 -11.44
C ALA B 245 13.60 -11.28 -10.62
N GLU B 246 13.93 -10.07 -11.07
CA GLU B 246 14.88 -9.23 -10.34
C GLU B 246 14.33 -8.89 -8.96
N ALA B 247 13.05 -8.55 -8.87
CA ALA B 247 12.46 -8.14 -7.60
C ALA B 247 12.50 -9.28 -6.58
N ILE B 248 12.27 -10.51 -7.04
CA ILE B 248 12.35 -11.67 -6.14
C ILE B 248 13.73 -11.73 -5.49
N CYS B 249 14.78 -11.59 -6.31
CA CYS B 249 16.13 -11.79 -5.81
C CYS B 249 16.57 -10.69 -4.86
N VAL B 250 16.16 -9.46 -5.16
CA VAL B 250 16.56 -8.31 -4.31
C VAL B 250 15.85 -8.41 -2.97
N LEU B 251 14.60 -8.81 -2.96
CA LEU B 251 13.86 -8.94 -1.70
C LEU B 251 14.49 -10.03 -0.84
N LYS B 252 14.87 -11.16 -1.45
CA LYS B 252 15.55 -12.20 -0.70
C LYS B 252 16.90 -11.71 -0.17
N THR B 253 17.64 -10.97 -1.00
CA THR B 253 18.94 -10.45 -0.58
C THR B 253 18.80 -9.53 0.64
N CYS B 254 17.80 -8.66 0.64
CA CYS B 254 17.61 -7.77 1.77
C CYS B 254 17.35 -8.54 3.05
N LEU B 255 16.61 -9.65 2.95
CA LEU B 255 16.43 -10.52 4.11
C LEU B 255 17.75 -11.14 4.55
N VAL B 256 18.53 -11.62 3.59
CA VAL B 256 19.85 -12.16 3.92
C VAL B 256 20.73 -11.06 4.53
N LEU B 257 20.67 -9.86 3.97
CA LEU B 257 21.47 -8.76 4.49
C LEU B 257 21.05 -8.39 5.91
N ASN B 258 19.75 -8.31 6.16
CA ASN B 258 19.28 -8.00 7.51
C ASN B 258 19.70 -9.10 8.49
N CYS B 259 19.78 -10.33 8.03
CA CYS B 259 20.28 -11.41 8.87
C CYS B 259 21.76 -11.22 9.20
N MET B 260 22.56 -10.83 8.21
CA MET B 260 23.98 -10.57 8.47
C MET B 260 24.16 -9.45 9.48
N GLN B 261 23.46 -8.32 9.27
CA GLN B 261 23.46 -7.24 10.25
C GLN B 261 23.16 -7.77 11.66
N PHE B 262 22.23 -8.70 11.76
CA PHE B 262 21.88 -9.27 13.06
C PHE B 262 23.05 -10.04 13.65
N LYS B 263 23.66 -10.94 12.86
CA LYS B 263 24.84 -11.65 13.34
C LYS B 263 25.93 -10.69 13.80
N LEU B 264 26.16 -9.63 13.02
CA LEU B 264 27.25 -8.71 13.31
C LEU B 264 27.03 -7.98 14.63
N GLU B 265 25.78 -7.61 14.91
CA GLU B 265 25.47 -6.97 16.20
C GLU B 265 25.43 -8.00 17.33
N MET B 266 24.97 -9.22 17.05
CA MET B 266 24.98 -10.26 18.06
C MET B 266 26.41 -10.66 18.44
N ASP B 267 27.30 -10.76 17.43
CA ASP B 267 28.69 -11.05 17.71
C ASP B 267 29.35 -9.94 18.52
N ASP B 268 29.05 -8.67 18.17
CA ASP B 268 29.68 -7.55 18.86
C ASP B 268 29.13 -7.38 20.26
N LEU B 269 27.84 -7.67 20.46
CA LEU B 269 27.24 -7.49 21.78
C LEU B 269 27.92 -8.36 22.82
N ALA B 270 28.35 -9.56 22.43
CA ALA B 270 29.04 -10.46 23.36
C ALA B 270 30.25 -9.77 23.97
N HIS B 271 31.10 -9.17 23.13
CA HIS B 271 32.30 -8.47 23.59
C HIS B 271 32.03 -7.01 23.92
N ASN B 272 30.84 -6.69 24.43
CA ASN B 272 30.44 -5.31 24.73
C ASN B 272 29.88 -5.27 26.15
N ALA B 273 30.78 -5.23 27.13
CA ALA B 273 30.37 -5.17 28.54
C ALA B 273 29.56 -3.91 28.82
N ALA B 274 29.96 -2.78 28.23
CA ALA B 274 29.27 -1.51 28.40
C ALA B 274 27.75 -1.65 28.33
N GLU B 275 27.25 -2.33 27.30
CA GLU B 275 25.81 -2.49 27.11
C GLU B 275 25.26 -3.75 27.75
N LEU B 276 26.00 -4.85 27.68
CA LEU B 276 25.46 -6.13 28.16
C LEU B 276 25.24 -6.12 29.67
N ASP B 277 26.15 -5.50 30.42
CA ASP B 277 26.00 -5.45 31.87
C ASP B 277 24.80 -4.62 32.30
N LYS B 278 24.32 -3.71 31.44
CA LYS B 278 23.17 -2.89 31.80
C LYS B 278 21.89 -3.71 31.80
N ILE B 279 21.79 -4.71 30.93
CA ILE B 279 20.60 -5.54 30.78
C ILE B 279 20.87 -6.99 31.21
N GLN B 280 21.95 -7.20 31.99
CA GLN B 280 22.43 -8.55 32.27
C GLN B 280 21.36 -9.43 32.92
N MET B 281 20.58 -8.86 33.83
CA MET B 281 19.59 -9.62 34.58
C MET B 281 18.17 -9.40 34.08
N MET B 282 18.02 -8.87 32.87
CA MET B 282 16.70 -8.71 32.24
C MET B 282 16.39 -9.98 31.48
N ILE B 283 15.75 -10.93 32.17
CA ILE B 283 15.29 -12.15 31.50
C ILE B 283 14.24 -11.87 30.43
N PRO B 284 13.29 -10.94 30.62
CA PRO B 284 12.40 -10.58 29.50
C PRO B 284 13.13 -10.28 28.20
N PHE B 285 14.36 -9.79 28.25
CA PHE B 285 15.09 -9.53 27.01
C PHE B 285 15.43 -10.80 26.26
N SER B 286 15.42 -11.96 26.94
CA SER B 286 15.74 -13.21 26.27
C SER B 286 14.68 -13.58 25.24
N GLU B 287 13.40 -13.35 25.57
CA GLU B 287 12.34 -13.66 24.61
C GLU B 287 12.47 -12.81 23.35
N ARG B 288 12.88 -11.55 23.50
CA ARG B 288 13.02 -10.66 22.34
C ARG B 288 14.14 -11.13 21.43
N VAL B 289 15.32 -11.41 22.00
CA VAL B 289 16.43 -11.90 21.19
C VAL B 289 16.05 -13.23 20.53
N PHE B 290 15.38 -14.11 21.27
CA PHE B 290 14.89 -15.36 20.67
C PHE B 290 13.87 -15.08 19.58
N ARG B 291 12.91 -14.20 19.85
CA ARG B 291 11.94 -13.79 18.84
C ARG B 291 12.65 -13.22 17.61
N MET B 292 13.71 -12.44 17.83
CA MET B 292 14.43 -11.84 16.71
C MET B 292 15.18 -12.91 15.92
N ALA B 293 16.02 -13.69 16.61
CA ALA B 293 16.80 -14.72 15.91
C ALA B 293 15.90 -15.78 15.27
N SER B 294 14.69 -15.98 15.82
CA SER B 294 13.76 -16.91 15.20
C SER B 294 13.42 -16.50 13.76
N SER B 295 13.45 -15.20 13.48
CA SER B 295 13.12 -14.72 12.15
C SER B 295 14.08 -15.27 11.10
N PHE B 296 15.37 -15.36 11.45
CA PHE B 296 16.38 -15.86 10.53
C PHE B 296 16.75 -17.31 10.78
N ALA B 297 16.13 -17.96 11.77
CA ALA B 297 16.46 -19.33 12.11
C ALA B 297 16.16 -20.33 11.00
N THR B 298 15.34 -19.94 10.02
CA THR B 298 14.94 -20.85 8.95
C THR B 298 15.90 -20.84 7.78
N ILE B 299 16.74 -19.81 7.65
CA ILE B 299 17.65 -19.68 6.53
C ILE B 299 19.11 -19.62 6.95
N ASP B 300 19.40 -19.40 8.23
CA ASP B 300 20.75 -19.35 8.75
C ASP B 300 21.00 -20.50 9.71
N ALA B 301 22.08 -21.24 9.49
CA ALA B 301 22.35 -22.41 10.32
C ALA B 301 22.74 -22.02 11.73
N GLN B 302 23.45 -20.90 11.90
CA GLN B 302 23.81 -20.45 13.24
C GLN B 302 22.59 -20.01 14.02
N CYS B 303 21.72 -19.21 13.40
CA CYS B 303 20.49 -18.80 14.08
C CYS B 303 19.59 -19.99 14.39
N PHE B 304 19.64 -21.04 13.56
CA PHE B 304 18.91 -22.26 13.85
C PHE B 304 19.36 -22.87 15.18
N ARG B 305 20.66 -23.15 15.28
CA ARG B 305 21.19 -23.78 16.49
C ARG B 305 21.02 -22.89 17.72
N PHE B 306 21.17 -21.58 17.54
CA PHE B 306 21.00 -20.64 18.65
C PHE B 306 19.60 -20.72 19.23
N CYS B 307 18.58 -20.67 18.37
CA CYS B 307 17.19 -20.70 18.85
C CYS B 307 16.85 -22.06 19.44
N VAL B 308 17.36 -23.14 18.83
CA VAL B 308 17.18 -24.48 19.39
C VAL B 308 17.62 -24.53 20.84
N MET B 309 18.86 -24.06 21.10
CA MET B 309 19.42 -24.12 22.44
C MET B 309 18.52 -23.46 23.47
N MET B 310 18.03 -22.26 23.17
CA MET B 310 17.24 -21.52 24.16
C MET B 310 15.88 -22.16 24.39
N LYS B 311 15.31 -22.81 23.38
CA LYS B 311 14.09 -23.59 23.59
C LYS B 311 14.34 -24.77 24.53
N ASP B 312 15.54 -25.33 24.52
CA ASP B 312 15.87 -26.43 25.43
C ASP B 312 15.87 -25.97 26.89
N LYS B 313 16.44 -24.78 27.15
CA LYS B 313 16.45 -24.22 28.49
C LYS B 313 15.18 -23.41 28.81
N ASN B 314 14.10 -23.64 28.05
CA ASN B 314 12.78 -23.09 28.35
C ASN B 314 12.78 -21.56 28.39
N LEU B 315 13.73 -20.92 27.69
CA LEU B 315 13.76 -19.47 27.52
C LEU B 315 13.74 -18.72 28.85
N LYS B 316 14.37 -19.28 29.86
CA LYS B 316 14.53 -18.63 31.16
C LYS B 316 16.02 -18.46 31.43
N ILE B 317 16.65 -17.60 30.63
CA ILE B 317 18.10 -17.43 30.63
C ILE B 317 18.41 -15.94 30.76
N ASP B 318 19.38 -15.61 31.62
CA ASP B 318 19.82 -14.24 31.74
C ASP B 318 20.62 -13.83 30.50
N MET B 319 20.50 -12.55 30.15
CA MET B 319 21.09 -12.05 28.91
C MET B 319 22.54 -12.47 28.75
N ARG B 320 23.35 -12.38 29.81
CA ARG B 320 24.77 -12.72 29.69
C ARG B 320 24.96 -14.17 29.30
N GLU B 321 24.15 -15.08 29.86
CA GLU B 321 24.27 -16.48 29.46
C GLU B 321 23.79 -16.71 28.04
N THR B 322 22.76 -15.96 27.61
CA THR B 322 22.28 -16.09 26.23
C THR B 322 23.30 -15.97 25.10
N THR B 323 24.22 -15.02 25.29
CA THR B 323 25.27 -14.66 24.30
C THR B 323 26.46 -15.64 24.37
N ARG B 324 26.51 -16.50 25.39
CA ARG B 324 27.45 -17.60 25.52
C ARG B 324 26.85 -18.69 24.65
N LEU B 325 25.52 -18.86 24.72
CA LEU B 325 24.85 -19.80 23.83
C LEU B 325 24.96 -19.35 22.38
N TRP B 326 24.85 -18.04 22.13
CA TRP B 326 25.06 -17.52 20.78
C TRP B 326 26.45 -17.83 20.27
N THR B 327 27.45 -17.84 21.15
CA THR B 327 28.82 -18.06 20.71
C THR B 327 29.10 -19.52 20.41
N ARG B 328 28.47 -20.45 21.16
CA ARG B 328 28.58 -21.86 20.79
C ARG B 328 27.83 -22.16 19.50
N SER B 329 26.74 -21.43 19.24
CA SER B 329 25.90 -21.71 18.07
C SER B 329 26.67 -21.59 16.76
N ALA B 330 27.80 -20.88 16.75
CA ALA B 330 28.64 -20.79 15.56
C ALA B 330 29.39 -22.06 15.16
N SER B 331 29.25 -23.16 15.91
CA SER B 331 29.96 -24.40 15.62
C SER B 331 28.92 -25.46 15.28
N ASP B 332 29.17 -26.21 14.20
CA ASP B 332 28.32 -27.34 13.86
C ASP B 332 28.12 -28.34 14.99
N ASP B 333 29.07 -28.44 15.91
CA ASP B 333 29.07 -29.49 16.92
C ASP B 333 28.19 -29.17 18.12
N SER B 334 27.73 -27.92 18.25
CA SER B 334 27.10 -27.49 19.48
C SER B 334 25.75 -28.17 19.70
N VAL B 335 24.98 -28.36 18.64
CA VAL B 335 23.71 -29.10 18.71
C VAL B 335 23.64 -30.05 17.53
N ALA B 336 22.97 -31.17 17.72
CA ALA B 336 22.83 -32.19 16.69
C ALA B 336 21.53 -31.92 15.94
N THR B 337 21.65 -31.31 14.76
CA THR B 337 20.50 -30.93 13.95
C THR B 337 20.27 -31.91 12.81
N SER B 338 21.18 -32.84 12.57
CA SER B 338 21.06 -33.75 11.43
C SER B 338 19.84 -34.66 11.56
N SER B 339 19.49 -35.04 12.78
CA SER B 339 18.35 -35.92 13.00
C SER B 339 17.02 -35.17 13.08
N LEU B 340 16.98 -33.90 12.67
CA LEU B 340 15.80 -33.05 12.82
C LEU B 340 15.09 -32.90 11.48
N SER B 341 13.92 -33.50 11.35
CA SER B 341 13.07 -33.34 10.17
C SER B 341 12.14 -32.15 10.36
N ILE B 342 12.15 -31.23 9.39
CA ILE B 342 11.37 -30.00 9.48
C ILE B 342 10.19 -30.07 8.54
N SER B 343 9.10 -29.39 8.93
CA SER B 343 7.86 -29.38 8.18
C SER B 343 7.19 -28.01 8.33
N LEU B 344 6.28 -27.72 7.40
CA LEU B 344 5.52 -26.47 7.39
C LEU B 344 4.06 -26.76 7.72
N ASP B 345 3.60 -26.23 8.86
CA ASP B 345 2.26 -26.46 9.36
C ASP B 345 1.55 -25.13 9.54
N ARG B 346 0.48 -24.93 8.78
CA ARG B 346 -0.40 -23.76 8.88
C ARG B 346 0.41 -22.47 9.04
N GLY B 347 1.30 -22.26 8.08
CA GLY B 347 2.08 -21.04 8.06
C GLY B 347 3.06 -20.89 9.20
N ARG B 348 3.48 -22.01 9.79
CA ARG B 348 4.49 -22.02 10.84
C ARG B 348 5.57 -23.03 10.48
N TRP B 349 6.81 -22.69 10.79
CA TRP B 349 7.97 -23.52 10.46
C TRP B 349 8.27 -24.40 11.65
N VAL B 350 7.87 -25.67 11.56
CA VAL B 350 8.11 -26.65 12.63
C VAL B 350 9.44 -27.34 12.36
N ALA B 351 10.29 -27.41 13.39
CA ALA B 351 11.47 -28.26 13.36
C ALA B 351 11.41 -29.17 14.57
N ALA B 352 11.24 -30.47 14.34
CA ALA B 352 11.05 -31.41 15.42
C ALA B 352 11.29 -32.81 14.91
N ASP B 353 11.86 -33.65 15.78
CA ASP B 353 11.93 -35.08 15.49
C ASP B 353 11.46 -35.84 16.71
N ALA B 354 11.58 -37.17 16.67
CA ALA B 354 11.11 -38.04 17.76
C ALA B 354 9.72 -37.62 18.23
N SER B 355 9.48 -37.47 19.52
CA SER B 355 8.23 -36.98 20.10
C SER B 355 8.19 -35.61 20.85
N ASP B 356 8.96 -34.69 20.29
CA ASP B 356 9.12 -33.37 20.88
C ASP B 356 9.39 -32.23 19.89
N ALA B 357 8.68 -31.11 20.08
CA ALA B 357 8.86 -29.93 19.24
C ALA B 357 10.11 -29.19 19.71
N ARG B 358 11.17 -29.25 18.89
CA ARG B 358 12.43 -28.62 19.31
C ARG B 358 12.40 -27.11 19.08
N LEU B 359 11.85 -26.67 17.95
CA LEU B 359 11.77 -25.24 17.67
C LEU B 359 10.49 -24.93 16.91
N LEU B 360 9.76 -23.92 17.36
CA LEU B 360 8.59 -23.40 16.66
C LEU B 360 8.90 -21.98 16.21
N VAL B 361 8.98 -21.79 14.89
CA VAL B 361 9.21 -20.48 14.30
C VAL B 361 7.88 -19.94 13.77
N PHE B 362 7.60 -18.67 14.05
CA PHE B 362 6.36 -18.04 13.66
C PHE B 362 6.61 -17.00 12.57
N PRO B 363 5.63 -16.76 11.71
CA PRO B 363 5.83 -15.78 10.63
C PRO B 363 6.07 -14.39 11.20
N ILE B 364 6.88 -13.62 10.47
CA ILE B 364 7.21 -12.26 10.89
C ILE B 364 6.09 -11.31 10.51
N ARG B 365 5.74 -10.42 11.44
CA ARG B 365 4.72 -9.41 11.15
C ARG B 365 5.27 -8.39 10.16
N VAL B 366 4.43 -7.97 9.21
CA VAL B 366 4.83 -7.10 8.12
C VAL B 366 6.08 -7.63 7.41
C GCH C . -4.84 16.25 -26.70
O GCH C . -4.04 17.24 -27.35
C1 GCH C . -4.03 14.99 -26.49
C2 GCH C . -4.77 13.91 -25.68
C3 GCH C . -5.34 14.47 -24.35
C4 GCH C . -6.16 15.73 -24.66
C5 GCH C . -5.36 16.79 -25.39
C6 GCH C . -6.26 13.43 -23.68
C7 GCH C . -3.90 12.68 -25.45
C8 GCH C . -2.76 12.89 -24.47
O1 GCH C . -1.69 13.64 -25.06
C9 GCH C . -3.23 13.58 -23.17
C10 GCH C . -4.13 14.81 -23.44
C11 GCH C . -4.53 15.47 -22.11
C12 GCH C . -3.34 15.86 -21.23
C13 GCH C . -2.44 14.64 -20.95
C14 GCH C . -2.04 14.03 -22.31
C15 GCH C . -0.93 13.03 -21.96
C16 GCH C . -0.30 13.57 -20.65
C17 GCH C . -1.02 14.89 -20.37
C18 GCH C . -0.86 15.34 -18.91
C19 GCH C . -1.41 16.74 -18.62
C20 GCH C . 0.63 15.28 -18.52
C21 GCH C . 1.49 16.34 -19.20
C22 GCH C . 2.95 16.19 -18.90
N GCH C . 3.50 17.12 -18.11
CA GCH C . 3.73 18.46 -18.58
O2 GCH C . 3.61 15.26 -19.36
C23 GCH C . -3.23 13.63 -20.10
O3 GCH C . -2.60 16.91 -21.86
C24 GCH C . 4.39 19.34 -17.56
O4 GCH C . 4.63 20.55 -18.01
O5 GCH C . 4.67 18.98 -16.44
C GCH D . -1.35 21.86 -12.34
O GCH D . -2.33 21.01 -12.96
C1 GCH D . -0.96 22.97 -13.29
C2 GCH D . -0.01 23.99 -12.66
C3 GCH D . -0.53 24.56 -11.32
C4 GCH D . -0.89 23.37 -10.41
C5 GCH D . -1.90 22.42 -11.04
C6 GCH D . 0.55 25.39 -10.61
C7 GCH D . 0.34 25.11 -13.64
C8 GCH D . -0.79 26.10 -13.91
O1 GCH D . -1.77 25.54 -14.79
C9 GCH D . -1.46 26.58 -12.61
C10 GCH D . -1.78 25.43 -11.63
C11 GCH D . -2.47 25.99 -10.38
C12 GCH D . -3.74 26.76 -10.68
C13 GCH D . -3.46 27.94 -11.64
C14 GCH D . -2.76 27.35 -12.89
C15 GCH D . -2.74 28.55 -13.85
C16 GCH D . -4.20 28.99 -13.74
C17 GCH D . -4.68 28.63 -12.32
C18 GCH D . -5.36 29.83 -11.61
C19 GCH D . -6.15 29.42 -10.38
C20 GCH D . -6.26 30.56 -12.62
C21 GCH D . -6.92 31.85 -12.13
C22 GCH D . -8.31 31.60 -11.58
N GCH D . -9.23 31.23 -12.46
CA GCH D . -10.27 30.28 -12.12
O2 GCH D . -8.56 31.75 -10.39
C23 GCH D . -2.56 28.97 -10.94
O3 GCH D . -4.70 25.87 -11.23
C24 GCH D . -11.22 30.00 -13.25
O4 GCH D . -10.67 29.30 -14.20
O5 GCH D . -12.38 30.38 -13.27
C GCH E . 27.03 -11.19 -11.96
O GCH E . 27.37 -11.94 -13.12
C1 GCH E . 26.28 -9.93 -12.36
C2 GCH E . 25.78 -9.13 -11.15
C3 GCH E . 24.96 -9.98 -10.16
C4 GCH E . 25.79 -11.22 -9.79
C5 GCH E . 26.19 -12.04 -11.02
C6 GCH E . 24.69 -9.19 -8.87
C7 GCH E . 25.01 -7.88 -11.60
C8 GCH E . 23.63 -8.17 -12.19
O1 GCH E . 23.74 -8.69 -13.51
C9 GCH E . 22.83 -9.13 -11.30
C10 GCH E . 23.62 -10.37 -10.86
C11 GCH E . 22.76 -11.33 -10.04
C12 GCH E . 21.46 -11.74 -10.72
C13 GCH E . 20.64 -10.50 -11.13
C14 GCH E . 21.54 -9.60 -12.00
C15 GCH E . 20.57 -8.58 -12.61
C16 GCH E . 19.19 -9.28 -12.64
C17 GCH E . 19.46 -10.70 -12.11
C18 GCH E . 18.16 -11.39 -11.64
C19 GCH E . 18.33 -12.87 -11.29
C20 GCH E . 17.06 -11.21 -12.70
C21 GCH E . 17.29 -12.02 -13.97
C22 GCH E . 16.23 -11.81 -15.01
N GCH E . 15.41 -12.85 -15.23
CA GCH E . 15.88 -14.02 -15.94
O2 GCH E . 16.12 -10.75 -15.61
C23 GCH E . 20.19 -9.76 -9.86
O3 GCH E . 21.76 -12.55 -11.87
C24 GCH E . 14.82 -15.08 -16.09
O4 GCH E . 15.25 -16.13 -16.74
O5 GCH E . 13.69 -14.97 -15.66
C GCH F . 13.84 -18.81 -8.86
O GCH F . 15.05 -18.22 -8.42
C1 GCH F . 14.13 -19.77 -9.99
C2 GCH F . 12.88 -20.57 -10.45
C3 GCH F . 12.17 -21.28 -9.27
C4 GCH F . 11.90 -20.24 -8.18
C5 GCH F . 13.17 -19.54 -7.71
C6 GCH F . 10.81 -21.84 -9.73
C7 GCH F . 13.23 -21.54 -11.57
C8 GCH F . 14.04 -22.74 -11.14
O1 GCH F . 15.42 -22.39 -10.93
C9 GCH F . 13.47 -23.42 -9.88
C10 GCH F . 13.10 -22.41 -8.77
C11 GCH F . 12.57 -23.15 -7.55
C12 GCH F . 13.55 -24.18 -7.00
C13 GCH F . 13.94 -25.22 -8.06
C14 GCH F . 14.44 -24.45 -9.31
C15 GCH F . 14.96 -25.58 -10.19
C16 GCH F . 15.83 -26.33 -9.18
C17 GCH F . 15.19 -26.11 -7.79
C18 GCH F . 15.06 -27.41 -6.98
C19 GCH F . 14.69 -27.19 -5.52
C20 GCH F . 16.40 -28.17 -7.09
C21 GCH F . 16.47 -29.53 -6.38
C22 GCH F . 17.18 -29.41 -5.06
N GCH F . 18.48 -29.14 -5.13
CA GCH F . 19.13 -28.31 -4.13
O2 GCH F . 16.59 -29.57 -4.00
C23 GCH F . 12.71 -26.08 -8.39
O3 GCH F . 14.70 -23.49 -6.51
C24 GCH F . 20.60 -28.11 -4.39
O4 GCH F . 20.82 -27.32 -5.41
O5 GCH F . 21.48 -28.64 -3.74
#